data_2WSP
#
_entry.id   2WSP
#
_cell.length_a   180.249
_cell.length_b   180.249
_cell.length_c   169.733
_cell.angle_alpha   90.00
_cell.angle_beta   90.00
_cell.angle_gamma   120.00
#
_symmetry.space_group_name_H-M   'H 3 2'
#
loop_
_entity.id
_entity.type
_entity.pdbx_description
1 polymer 'ALPHA-L-FUCOSIDASE, PUTATIVE'
2 branched alpha-L-fucopyranose-(1-2)-beta-L-fucosyl-azide
3 water water
#
_entity_poly.entity_id   1
_entity_poly.type   'polypeptide(L)'
_entity_poly.pdbx_seq_one_letter_code
;MISMKPRYKPDWESLREHTVPKWFDKAKFGIFIHWGIYSVPGWATPTGELGKVPMDAWFFQNPYAEWYENSLRIKESPTW
EYHVKTYGENFEYEKFADLFTAEKWDPQEWADLFKKAGAKYVIPTTKHHDGFCLWGTKYTDFNSVKRGPKRDLVGDLAKA
VREAGLRFGVYYSGGLDWRFTTEPIRYPEDLSYIRPNTYEYADYAYKQVMELVDLYLPDVLWNGMGWPEKGKEDLKYLFA
YYYNKHPEGSVNDRWGVPHWDFKTAEYHVNYPGDLPGYKWEFTRGIGLSFGYNRNEGPEHMLSVEQLVYTLVDVVSKGGN
LLLNVGPKGDGTIPDLQKERLLGLGEWLRKYGDAIYGTSVWERCCAKTEDGTEIRFTRKCNRIFVIFLGIPTGEKIVIED
LNLSAGTVRHFLTGERLSFKNVGKNLEITVPKKLLETDSITLVLEAVEE
;
_entity_poly.pdbx_strand_id   A,B
#
# COMPACT_ATOMS: atom_id res chain seq x y z
N LYS A 5 -0.78 21.90 -6.92
CA LYS A 5 -1.72 20.84 -7.39
C LYS A 5 -1.05 19.59 -8.03
N PRO A 6 0.28 19.63 -8.29
CA PRO A 6 0.93 18.39 -8.66
C PRO A 6 1.40 17.68 -7.38
N ARG A 7 0.91 16.46 -7.17
CA ARG A 7 1.14 15.77 -5.90
C ARG A 7 2.46 15.01 -5.89
N TYR A 8 2.72 14.28 -6.95
CA TYR A 8 3.86 13.37 -6.98
C TYR A 8 5.15 14.04 -7.43
N LYS A 9 6.23 13.78 -6.69
CA LYS A 9 7.56 14.29 -7.02
C LYS A 9 8.39 13.17 -7.67
N PRO A 10 9.40 13.54 -8.50
CA PRO A 10 10.26 12.56 -9.18
C PRO A 10 11.38 11.94 -8.30
N ASP A 11 10.98 11.23 -7.26
CA ASP A 11 11.91 10.36 -6.52
C ASP A 11 11.14 9.21 -5.90
N TRP A 12 11.83 8.09 -5.69
CA TRP A 12 11.18 6.84 -5.29
C TRP A 12 10.42 6.98 -3.97
N GLU A 13 10.99 7.72 -3.02
CA GLU A 13 10.33 7.93 -1.72
C GLU A 13 8.98 8.59 -1.91
N SER A 14 8.94 9.58 -2.78
CA SER A 14 7.69 10.27 -3.08
C SER A 14 6.71 9.44 -3.90
N LEU A 15 7.22 8.59 -4.78
CA LEU A 15 6.34 7.79 -5.64
C LEU A 15 5.70 6.60 -4.91
N ARG A 16 6.25 6.22 -3.76
CA ARG A 16 5.63 5.21 -2.88
C ARG A 16 4.24 5.63 -2.39
N GLU A 17 4.03 6.93 -2.26
CA GLU A 17 2.72 7.48 -1.91
C GLU A 17 1.61 6.97 -2.84
N HIS A 18 1.94 6.70 -4.09
CA HIS A 18 0.96 6.15 -5.03
C HIS A 18 0.77 4.66 -4.81
N THR A 19 -0.33 4.30 -4.18
CA THR A 19 -0.71 2.91 -3.97
C THR A 19 -1.59 2.46 -5.13
N VAL A 20 -1.78 1.14 -5.25
CA VAL A 20 -2.62 0.58 -6.29
C VAL A 20 -4.01 1.23 -6.28
N PRO A 21 -4.50 1.67 -7.47
CA PRO A 21 -5.81 2.31 -7.51
C PRO A 21 -6.92 1.31 -7.23
N LYS A 22 -7.95 1.76 -6.52
CA LYS A 22 -9.06 0.90 -6.12
C LYS A 22 -9.66 0.16 -7.31
N TRP A 23 -9.87 0.85 -8.42
CA TRP A 23 -10.51 0.23 -9.59
C TRP A 23 -9.81 -1.07 -9.99
N PHE A 24 -8.48 -1.06 -9.90
CA PHE A 24 -7.68 -2.22 -10.27
C PHE A 24 -7.88 -3.34 -9.28
N ASP A 25 -7.78 -3.02 -7.99
CA ASP A 25 -8.00 -4.01 -6.93
C ASP A 25 -9.40 -4.62 -7.05
N LYS A 26 -10.39 -3.80 -7.38
CA LYS A 26 -11.78 -4.26 -7.53
C LYS A 26 -12.06 -4.99 -8.85
N ALA A 27 -11.21 -4.76 -9.85
CA ALA A 27 -11.50 -5.22 -11.22
C ALA A 27 -11.41 -6.73 -11.34
N LYS A 28 -10.38 -7.30 -10.74
CA LYS A 28 -10.22 -8.77 -10.61
C LYS A 28 -9.81 -9.51 -11.88
N PHE A 29 -10.31 -9.06 -13.03
CA PHE A 29 -10.15 -9.81 -14.26
C PHE A 29 -9.98 -8.86 -15.44
N GLY A 30 -8.87 -9.02 -16.16
CA GLY A 30 -8.56 -8.21 -17.33
C GLY A 30 -8.10 -9.06 -18.49
N ILE A 31 -8.11 -8.47 -19.70
CA ILE A 31 -7.67 -9.16 -20.91
C ILE A 31 -6.36 -8.57 -21.42
N PHE A 32 -5.42 -9.47 -21.72
CA PHE A 32 -4.14 -9.15 -22.34
C PHE A 32 -4.35 -9.39 -23.84
N ILE A 33 -3.77 -8.58 -24.71
CA ILE A 33 -3.78 -8.90 -26.15
C ILE A 33 -2.36 -8.84 -26.76
N HIS A 34 -1.84 -10.00 -27.13
CA HIS A 34 -0.61 -10.07 -27.91
C HIS A 34 -0.96 -10.18 -29.38
N TRP A 35 -0.81 -9.07 -30.10
CA TRP A 35 -1.22 -8.97 -31.48
C TRP A 35 -0.17 -8.17 -32.24
N GLY A 36 0.46 -8.80 -33.24
CA GLY A 36 1.48 -8.11 -34.01
C GLY A 36 1.61 -8.68 -35.41
N ILE A 37 2.75 -8.40 -36.04
CA ILE A 37 3.05 -8.97 -37.35
C ILE A 37 3.41 -10.44 -37.19
N TYR A 38 3.88 -10.82 -36.00
CA TYR A 38 4.08 -12.23 -35.64
C TYR A 38 2.79 -13.04 -35.69
N SER A 39 1.65 -12.37 -35.61
CA SER A 39 0.36 -13.02 -35.73
C SER A 39 0.12 -13.61 -37.12
N VAL A 40 0.68 -12.98 -38.16
CA VAL A 40 0.49 -13.42 -39.54
C VAL A 40 0.98 -14.86 -39.75
N PRO A 41 2.27 -15.15 -39.46
CA PRO A 41 2.68 -16.55 -39.49
C PRO A 41 1.98 -17.34 -38.39
N GLY A 42 1.75 -16.70 -37.24
CA GLY A 42 1.01 -17.32 -36.14
C GLY A 42 1.35 -18.78 -35.94
N TRP A 43 2.61 -19.04 -35.67
CA TRP A 43 3.10 -20.41 -35.62
C TRP A 43 4.12 -20.61 -34.51
N ALA A 44 4.01 -21.73 -33.80
CA ALA A 44 5.00 -22.14 -32.82
C ALA A 44 4.79 -23.62 -32.47
N THR A 45 5.86 -24.28 -32.05
CA THR A 45 5.77 -25.64 -31.52
C THR A 45 5.16 -25.59 -30.12
N PRO A 46 3.94 -26.16 -29.93
CA PRO A 46 3.26 -26.12 -28.63
C PRO A 46 3.86 -27.07 -27.58
N THR A 47 5.09 -26.80 -27.16
CA THR A 47 5.84 -27.68 -26.25
C THR A 47 5.19 -27.84 -24.87
N GLY A 48 4.96 -26.72 -24.17
CA GLY A 48 4.41 -26.77 -22.81
C GLY A 48 4.37 -25.43 -22.10
N GLU A 49 4.38 -25.49 -20.77
CA GLU A 49 4.37 -24.29 -19.93
C GLU A 49 5.74 -24.08 -19.27
N LEU A 50 5.93 -22.90 -18.69
CA LEU A 50 7.12 -22.64 -17.86
C LEU A 50 7.15 -23.61 -16.68
N GLY A 51 8.31 -24.25 -16.47
CA GLY A 51 8.48 -25.20 -15.37
C GLY A 51 7.83 -26.54 -15.63
N VAL A 53 8.59 -27.15 -19.30
CA VAL A 53 9.49 -27.45 -20.42
C VAL A 53 10.95 -27.16 -20.02
N PRO A 54 11.88 -28.06 -20.40
CA PRO A 54 13.31 -27.85 -20.10
C PRO A 54 13.83 -26.52 -20.65
N MET A 55 14.18 -25.60 -19.74
CA MET A 55 14.56 -24.24 -20.11
C MET A 55 15.85 -24.17 -20.95
N ASP A 56 16.54 -25.31 -21.08
CA ASP A 56 17.72 -25.43 -21.94
C ASP A 56 17.30 -25.41 -23.41
N ALA A 57 16.18 -26.07 -23.72
CA ALA A 57 15.68 -26.17 -25.09
C ALA A 57 14.62 -25.11 -25.43
N TRP A 58 14.14 -24.38 -24.41
CA TRP A 58 12.98 -23.49 -24.54
C TRP A 58 13.03 -22.57 -25.76
N PHE A 59 14.14 -21.86 -25.94
CA PHE A 59 14.25 -20.89 -27.02
C PHE A 59 14.40 -21.57 -28.38
N PHE A 60 14.92 -22.80 -28.38
CA PHE A 60 15.06 -23.61 -29.59
C PHE A 60 13.74 -24.23 -30.04
N GLN A 61 12.85 -24.49 -29.07
CA GLN A 61 11.51 -25.06 -29.32
C GLN A 61 10.47 -24.15 -28.68
N ASN A 62 10.54 -22.86 -29.00
CA ASN A 62 9.78 -21.85 -28.27
C ASN A 62 8.27 -21.92 -28.50
N PRO A 63 7.51 -22.16 -27.43
CA PRO A 63 6.04 -22.21 -27.55
C PRO A 63 5.35 -20.85 -27.63
N TYR A 64 6.09 -19.77 -27.47
CA TYR A 64 5.53 -18.42 -27.58
C TYR A 64 5.67 -17.95 -29.02
N ALA A 65 4.55 -17.81 -29.71
CA ALA A 65 4.52 -17.48 -31.14
C ALA A 65 4.94 -16.04 -31.41
N GLU A 66 4.87 -15.18 -30.40
CA GLU A 66 5.38 -13.80 -30.53
C GLU A 66 6.90 -13.78 -30.68
N TRP A 67 7.57 -14.83 -30.20
CA TRP A 67 9.02 -14.97 -30.32
C TRP A 67 9.50 -15.46 -31.70
N TYR A 68 8.58 -15.58 -32.65
CA TYR A 68 8.88 -16.04 -34.00
C TYR A 68 10.20 -15.52 -34.57
N GLU A 69 10.41 -14.21 -34.53
CA GLU A 69 11.63 -13.64 -35.09
C GLU A 69 12.86 -14.18 -34.38
N ASN A 70 12.83 -14.24 -33.05
CA ASN A 70 13.96 -14.80 -32.30
C ASN A 70 14.22 -16.24 -32.73
N SER A 71 13.16 -17.03 -32.77
CA SER A 71 13.24 -18.41 -33.25
C SER A 71 13.68 -18.48 -34.73
N LEU A 72 13.21 -17.54 -35.54
CA LEU A 72 13.59 -17.48 -36.95
C LEU A 72 15.09 -17.24 -37.10
N ARG A 73 15.67 -16.46 -36.18
CA ARG A 73 17.10 -16.17 -36.21
C ARG A 73 17.97 -17.36 -35.79
N ILE A 74 17.37 -18.36 -35.15
CA ILE A 74 18.06 -19.61 -34.86
C ILE A 74 17.80 -20.56 -36.03
N LYS A 75 18.82 -20.76 -36.88
CA LYS A 75 18.70 -21.61 -38.07
C LYS A 75 18.40 -23.08 -37.77
N GLU A 76 18.76 -23.53 -36.56
CA GLU A 76 18.52 -24.91 -36.15
C GLU A 76 17.02 -25.17 -35.89
N SER A 77 16.27 -24.10 -35.62
CA SER A 77 14.93 -24.24 -35.04
C SER A 77 13.88 -24.77 -36.01
N PRO A 78 12.81 -25.38 -35.48
CA PRO A 78 11.65 -25.74 -36.30
C PRO A 78 10.98 -24.54 -36.96
N THR A 79 11.08 -23.37 -36.33
CA THR A 79 10.54 -22.13 -36.88
C THR A 79 11.24 -21.76 -38.19
N TRP A 80 12.55 -21.97 -38.25
CA TRP A 80 13.32 -21.68 -39.46
C TRP A 80 12.91 -22.58 -40.63
N GLU A 81 12.79 -23.89 -40.35
CA GLU A 81 12.25 -24.84 -41.33
C GLU A 81 10.89 -24.39 -41.86
N TYR A 82 9.98 -24.06 -40.94
CA TYR A 82 8.62 -23.68 -41.30
C TYR A 82 8.59 -22.39 -42.12
N HIS A 83 9.47 -21.45 -41.79
CA HIS A 83 9.51 -20.17 -42.47
C HIS A 83 9.97 -20.31 -43.91
N VAL A 84 11.09 -21.02 -44.10
CA VAL A 84 11.64 -21.27 -45.43
C VAL A 84 10.65 -22.05 -46.29
N LYS A 85 10.05 -23.09 -45.71
CA LYS A 85 9.08 -23.92 -46.41
C LYS A 85 7.81 -23.14 -46.80
N THR A 86 7.39 -22.22 -45.94
CA THR A 86 6.12 -21.50 -46.12
C THR A 86 6.28 -20.16 -46.85
N TYR A 87 7.37 -19.45 -46.56
CA TYR A 87 7.58 -18.10 -47.10
C TYR A 87 8.86 -17.92 -47.92
N GLY A 88 9.79 -18.88 -47.83
CA GLY A 88 11.09 -18.76 -48.50
C GLY A 88 12.17 -18.17 -47.61
N GLU A 89 13.43 -18.49 -47.92
CA GLU A 89 14.57 -17.97 -47.14
C GLU A 89 14.77 -16.48 -47.41
N ASN A 90 14.32 -16.02 -48.58
CA ASN A 90 14.44 -14.60 -48.95
C ASN A 90 13.35 -13.72 -48.36
N PHE A 91 12.49 -14.28 -47.51
CA PHE A 91 11.44 -13.51 -46.82
C PHE A 91 11.91 -13.12 -45.42
N GLU A 92 12.28 -11.86 -45.27
CA GLU A 92 12.73 -11.33 -43.98
C GLU A 92 11.54 -11.11 -43.05
N TYR A 93 11.74 -11.34 -41.74
CA TYR A 93 10.69 -11.17 -40.74
C TYR A 93 9.97 -9.83 -40.88
N GLU A 94 10.74 -8.77 -41.13
CA GLU A 94 10.23 -7.40 -41.32
C GLU A 94 9.05 -7.32 -42.29
N LYS A 95 9.06 -8.16 -43.31
CA LYS A 95 8.05 -8.08 -44.38
C LYS A 95 6.64 -8.52 -43.93
N PHE A 96 6.52 -9.19 -42.79
CA PHE A 96 5.21 -9.51 -42.22
C PHE A 96 4.38 -8.25 -41.92
N ALA A 97 5.06 -7.12 -41.74
CA ALA A 97 4.40 -5.84 -41.58
C ALA A 97 3.54 -5.46 -42.78
N ASP A 98 3.86 -6.00 -43.96
CA ASP A 98 3.08 -5.73 -45.18
C ASP A 98 1.95 -6.73 -45.41
N LEU A 99 2.06 -7.91 -44.79
CA LEU A 99 1.00 -8.91 -44.81
C LEU A 99 0.02 -8.71 -43.65
N PHE A 100 0.43 -7.90 -42.67
CA PHE A 100 -0.37 -7.67 -41.46
C PHE A 100 -1.40 -6.58 -41.73
N THR A 101 -2.52 -6.96 -42.34
CA THR A 101 -3.48 -6.00 -42.87
C THR A 101 -4.66 -5.72 -41.95
N ALA A 102 -4.93 -6.62 -41.00
CA ALA A 102 -6.08 -6.48 -40.09
C ALA A 102 -7.36 -6.16 -40.88
N GLU A 103 -7.54 -6.87 -42.00
CA GLU A 103 -8.64 -6.62 -42.93
C GLU A 103 -10.04 -6.81 -42.30
N LYS A 104 -10.20 -7.77 -41.41
CA LYS A 104 -11.49 -8.05 -40.77
C LYS A 104 -11.56 -7.57 -39.31
N TRP A 105 -10.71 -6.63 -38.93
CA TRP A 105 -10.69 -6.11 -37.56
C TRP A 105 -11.86 -5.17 -37.33
N ASP A 106 -12.63 -5.46 -36.29
CA ASP A 106 -13.61 -4.51 -35.75
C ASP A 106 -13.30 -4.33 -34.27
N PRO A 107 -12.78 -3.15 -33.89
CA PRO A 107 -12.41 -2.93 -32.49
C PRO A 107 -13.59 -3.01 -31.52
N GLN A 108 -14.78 -2.61 -31.97
CA GLN A 108 -15.96 -2.65 -31.10
C GLN A 108 -16.45 -4.07 -30.83
N GLU A 109 -16.28 -4.96 -31.80
CA GLU A 109 -16.58 -6.38 -31.59
C GLU A 109 -15.70 -6.97 -30.50
N TRP A 110 -14.43 -6.58 -30.47
CA TRP A 110 -13.48 -7.03 -29.44
C TRP A 110 -13.88 -6.49 -28.07
N ALA A 111 -14.03 -5.18 -27.99
CA ALA A 111 -14.43 -4.51 -26.75
C ALA A 111 -15.70 -5.14 -26.18
N ASP A 112 -16.69 -5.38 -27.03
CA ASP A 112 -17.92 -6.04 -26.62
C ASP A 112 -17.65 -7.47 -26.14
N LEU A 113 -16.77 -8.18 -26.85
CA LEU A 113 -16.40 -9.54 -26.47
C LEU A 113 -15.76 -9.58 -25.08
N PHE A 114 -14.83 -8.66 -24.82
CA PHE A 114 -14.16 -8.60 -23.54
C PHE A 114 -15.10 -8.18 -22.41
N LYS A 115 -16.08 -7.34 -22.75
CA LYS A 115 -17.13 -6.93 -21.80
C LYS A 115 -17.99 -8.14 -21.40
N LYS A 116 -18.48 -8.87 -22.39
CA LYS A 116 -19.34 -10.02 -22.12
C LYS A 116 -18.57 -11.12 -21.39
N ALA A 117 -17.27 -11.21 -21.63
CA ALA A 117 -16.41 -12.18 -20.94
C ALA A 117 -16.24 -11.87 -19.46
N GLY A 118 -16.68 -10.69 -19.03
CA GLY A 118 -16.56 -10.27 -17.64
C GLY A 118 -15.29 -9.49 -17.36
N ALA A 119 -14.52 -9.19 -18.40
CA ALA A 119 -13.26 -8.47 -18.24
C ALA A 119 -13.54 -7.01 -17.90
N LYS A 120 -12.70 -6.43 -17.04
CA LYS A 120 -12.87 -5.05 -16.59
C LYS A 120 -11.80 -4.13 -17.14
N TYR A 121 -10.70 -4.70 -17.63
CA TYR A 121 -9.67 -3.90 -18.33
C TYR A 121 -8.99 -4.66 -19.45
N VAL A 122 -8.41 -3.91 -20.38
CA VAL A 122 -7.79 -4.49 -21.56
C VAL A 122 -6.41 -3.87 -21.78
N ILE A 123 -5.45 -4.73 -22.12
CA ILE A 123 -4.06 -4.31 -22.31
C ILE A 123 -3.49 -4.96 -23.57
N PRO A 124 -3.41 -4.19 -24.67
CA PRO A 124 -2.78 -4.70 -25.88
C PRO A 124 -1.29 -4.39 -25.95
N THR A 125 -0.56 -5.24 -26.67
CA THR A 125 0.84 -5.00 -26.97
C THR A 125 0.96 -3.85 -27.96
N THR A 126 1.38 -2.69 -27.47
CA THR A 126 1.65 -1.53 -28.34
C THR A 126 2.96 -1.70 -29.09
N LYS A 127 3.92 -2.37 -28.45
CA LYS A 127 5.19 -2.78 -29.07
C LYS A 127 5.77 -3.94 -28.28
N HIS A 128 5.97 -5.07 -28.95
CA HIS A 128 6.56 -6.24 -28.33
C HIS A 128 8.06 -6.30 -28.66
N HIS A 129 8.69 -7.45 -28.48
CA HIS A 129 10.12 -7.60 -28.64
C HIS A 129 10.60 -7.33 -30.08
N ASP A 130 9.79 -7.65 -31.08
CA ASP A 130 10.19 -7.37 -32.47
C ASP A 130 10.22 -5.88 -32.84
N GLY A 131 9.74 -5.03 -31.94
CA GLY A 131 9.87 -3.58 -32.09
C GLY A 131 8.87 -2.92 -33.02
N PHE A 132 7.92 -3.69 -33.54
CA PHE A 132 6.86 -3.14 -34.37
C PHE A 132 5.80 -2.51 -33.48
N CYS A 133 5.52 -1.24 -33.73
CA CYS A 133 4.59 -0.46 -32.93
C CYS A 133 3.19 -0.41 -33.57
N LEU A 134 2.14 -0.71 -32.79
CA LEU A 134 0.77 -0.64 -33.30
C LEU A 134 0.10 0.74 -33.10
N TRP A 135 0.90 1.80 -33.18
CA TRP A 135 0.35 3.15 -33.22
C TRP A 135 1.25 4.03 -34.08
N GLY A 136 0.72 5.17 -34.51
CA GLY A 136 1.47 6.08 -35.37
C GLY A 136 2.53 6.84 -34.61
N THR A 137 3.52 6.13 -34.10
CA THR A 137 4.63 6.75 -33.38
C THR A 137 5.54 7.51 -34.35
N LYS A 138 6.04 8.66 -33.92
CA LYS A 138 6.93 9.46 -34.77
C LYS A 138 8.41 9.12 -34.60
N TYR A 139 8.71 8.14 -33.76
CA TYR A 139 10.10 7.78 -33.45
C TYR A 139 10.58 6.55 -34.23
N THR A 140 9.66 5.85 -34.91
CA THR A 140 10.02 4.85 -35.91
C THR A 140 8.94 4.74 -37.00
N ASP A 141 9.36 4.44 -38.22
CA ASP A 141 8.43 4.15 -39.33
C ASP A 141 7.91 2.71 -39.32
N PHE A 142 8.49 1.87 -38.46
CA PHE A 142 8.10 0.46 -38.38
C PHE A 142 6.87 0.33 -37.49
N ASN A 143 5.76 0.88 -37.97
CA ASN A 143 4.53 0.99 -37.19
C ASN A 143 3.29 0.70 -38.06
N SER A 144 2.15 0.53 -37.39
CA SER A 144 0.91 0.10 -38.05
C SER A 144 0.23 1.15 -38.92
N VAL A 145 0.66 2.41 -38.80
CA VAL A 145 0.09 3.52 -39.58
C VAL A 145 0.76 3.63 -40.94
N LYS A 146 2.07 3.42 -40.98
CA LYS A 146 2.81 3.49 -42.24
C LYS A 146 2.84 2.15 -42.99
N ARG A 147 2.87 1.04 -42.26
CA ARG A 147 2.93 -0.29 -42.87
C ARG A 147 1.55 -0.96 -42.91
N GLY A 148 1.52 -2.28 -43.02
CA GLY A 148 0.33 -3.09 -43.28
C GLY A 148 -1.06 -2.51 -43.07
N PRO A 149 -1.50 -2.37 -41.82
CA PRO A 149 -2.89 -1.98 -41.55
C PRO A 149 -3.21 -0.52 -41.90
N LYS A 150 -2.18 0.32 -42.00
CA LYS A 150 -2.38 1.75 -42.29
C LYS A 150 -3.43 2.31 -41.33
N ARG A 151 -3.21 2.10 -40.04
CA ARG A 151 -4.22 2.38 -39.03
C ARG A 151 -3.60 2.40 -37.63
N ASP A 152 -4.08 3.32 -36.80
CA ASP A 152 -3.67 3.38 -35.39
C ASP A 152 -4.49 2.35 -34.60
N LEU A 153 -3.93 1.14 -34.50
CA LEU A 153 -4.61 0.03 -33.84
C LEU A 153 -4.75 0.27 -32.33
N VAL A 154 -3.72 0.80 -31.68
CA VAL A 154 -3.79 1.08 -30.24
C VAL A 154 -4.88 2.11 -29.94
N GLY A 155 -4.93 3.18 -30.74
CA GLY A 155 -5.90 4.25 -30.54
C GLY A 155 -7.34 3.82 -30.76
N ASP A 156 -7.61 3.23 -31.92
CA ASP A 156 -8.96 2.81 -32.26
C ASP A 156 -9.47 1.72 -31.30
N LEU A 157 -8.55 0.92 -30.75
CA LEU A 157 -8.90 -0.05 -29.71
C LEU A 157 -9.16 0.68 -28.37
N ALA A 158 -8.38 1.71 -28.10
CA ALA A 158 -8.57 2.51 -26.90
C ALA A 158 -9.98 3.13 -26.87
N LYS A 159 -10.42 3.67 -28.00
CA LYS A 159 -11.77 4.22 -28.13
C LYS A 159 -12.84 3.16 -27.92
N ALA A 160 -12.62 1.97 -28.49
CA ALA A 160 -13.58 0.88 -28.42
C ALA A 160 -13.75 0.32 -27.01
N VAL A 161 -12.63 0.12 -26.31
CA VAL A 161 -12.64 -0.43 -24.95
C VAL A 161 -13.28 0.55 -23.98
N ARG A 162 -12.94 1.82 -24.11
CA ARG A 162 -13.51 2.86 -23.25
C ARG A 162 -14.99 3.10 -23.50
N GLU A 163 -15.42 3.03 -24.77
CA GLU A 163 -16.83 3.20 -25.12
C GLU A 163 -17.66 2.03 -24.57
N ALA A 164 -17.05 0.85 -24.55
CA ALA A 164 -17.62 -0.33 -23.89
C ALA A 164 -17.57 -0.25 -22.35
N GLY A 165 -16.93 0.78 -21.81
CA GLY A 165 -16.93 1.03 -20.37
C GLY A 165 -15.81 0.37 -19.60
N LEU A 166 -14.81 -0.13 -20.32
CA LEU A 166 -13.67 -0.81 -19.72
C LEU A 166 -12.45 0.09 -19.64
N ARG A 167 -11.59 -0.19 -18.68
CA ARG A 167 -10.30 0.49 -18.53
C ARG A 167 -9.35 -0.02 -19.62
N PHE A 168 -8.47 0.87 -20.07
CA PHE A 168 -7.52 0.55 -21.14
C PHE A 168 -6.09 0.81 -20.69
N GLY A 169 -5.28 -0.25 -20.64
CA GLY A 169 -3.86 -0.13 -20.32
C GLY A 169 -3.02 -0.36 -21.56
N VAL A 170 -1.71 -0.18 -21.44
CA VAL A 170 -0.79 -0.46 -22.55
C VAL A 170 0.35 -1.37 -22.11
N TYR A 171 0.65 -2.35 -22.95
CA TYR A 171 1.87 -3.14 -22.83
C TYR A 171 2.95 -2.54 -23.73
N TYR A 172 4.14 -2.36 -23.18
CA TYR A 172 5.28 -1.90 -23.97
C TYR A 172 6.50 -2.73 -23.63
N SER A 173 7.17 -3.26 -24.64
CA SER A 173 8.42 -4.00 -24.41
C SER A 173 9.58 -3.04 -24.23
N GLY A 174 9.82 -2.64 -22.98
CA GLY A 174 10.95 -1.78 -22.67
C GLY A 174 12.28 -2.50 -22.73
N GLY A 175 12.29 -3.74 -22.26
CA GLY A 175 13.53 -4.49 -22.09
C GLY A 175 14.14 -5.01 -23.36
N LEU A 176 13.30 -5.47 -24.27
CA LEU A 176 13.74 -6.09 -25.50
C LEU A 176 13.21 -5.34 -26.71
N ASP A 177 14.05 -5.24 -27.73
CA ASP A 177 13.65 -4.68 -29.02
C ASP A 177 14.61 -5.18 -30.10
N TRP A 178 14.15 -6.15 -30.89
CA TRP A 178 15.01 -6.82 -31.84
C TRP A 178 15.29 -5.99 -33.10
N ARG A 179 14.77 -4.76 -33.15
CA ARG A 179 15.25 -3.78 -34.13
C ARG A 179 16.66 -3.27 -33.78
N PHE A 180 17.15 -3.57 -32.57
CA PHE A 180 18.43 -3.03 -32.11
C PHE A 180 19.52 -4.09 -31.88
N THR A 181 19.23 -5.34 -32.21
CA THR A 181 20.21 -6.43 -32.07
C THR A 181 20.10 -7.35 -33.29
N THR A 182 21.15 -8.13 -33.54
CA THR A 182 21.15 -9.08 -34.66
C THR A 182 21.13 -10.54 -34.21
N GLU A 183 21.74 -10.84 -33.06
CA GLU A 183 21.81 -12.22 -32.56
C GLU A 183 20.51 -12.61 -31.89
N PRO A 184 20.16 -13.90 -31.95
CA PRO A 184 19.02 -14.42 -31.20
C PRO A 184 19.37 -14.79 -29.76
N ILE A 185 18.33 -14.90 -28.94
CA ILE A 185 18.43 -15.44 -27.59
C ILE A 185 18.31 -16.96 -27.71
N ARG A 186 19.37 -17.67 -27.34
CA ARG A 186 19.38 -19.14 -27.37
C ARG A 186 19.29 -19.72 -25.96
N TYR A 187 19.83 -19.01 -24.98
CA TYR A 187 19.73 -19.42 -23.58
C TYR A 187 19.33 -18.23 -22.72
N PRO A 188 18.80 -18.50 -21.50
CA PRO A 188 18.39 -17.39 -20.64
C PRO A 188 19.53 -16.40 -20.35
N GLU A 189 20.75 -16.91 -20.22
CA GLU A 189 21.93 -16.08 -19.93
C GLU A 189 22.17 -15.02 -21.01
N ASP A 190 21.84 -15.37 -22.26
CA ASP A 190 21.97 -14.43 -23.39
C ASP A 190 21.27 -13.10 -23.15
N LEU A 191 20.15 -13.13 -22.43
CA LEU A 191 19.39 -11.92 -22.11
C LEU A 191 20.18 -10.89 -21.31
N SER A 192 21.21 -11.31 -20.58
CA SER A 192 22.00 -10.38 -19.78
C SER A 192 22.96 -9.52 -20.61
N TYR A 193 23.14 -9.86 -21.90
CA TYR A 193 23.97 -9.02 -22.78
C TYR A 193 23.41 -8.76 -24.19
N ILE A 194 22.51 -9.62 -24.69
CA ILE A 194 21.88 -9.36 -25.98
C ILE A 194 20.65 -8.45 -25.80
N ARG A 195 20.96 -7.17 -25.69
CA ARG A 195 19.98 -6.10 -25.45
C ARG A 195 20.44 -4.92 -26.31
N PRO A 196 19.57 -3.90 -26.49
CA PRO A 196 20.00 -2.74 -27.26
C PRO A 196 21.24 -2.04 -26.69
N ASN A 197 21.29 -1.88 -25.37
CA ASN A 197 22.46 -1.35 -24.64
C ASN A 197 22.83 0.12 -24.86
N THR A 198 22.26 0.75 -25.89
CA THR A 198 22.67 2.08 -26.30
C THR A 198 21.88 3.15 -25.55
N TYR A 199 22.53 4.29 -25.32
CA TYR A 199 21.85 5.46 -24.75
C TYR A 199 20.68 5.83 -25.67
N GLU A 200 20.96 5.90 -26.97
CA GLU A 200 19.93 6.03 -27.99
C GLU A 200 18.66 5.23 -27.62
N TYR A 201 18.81 3.94 -27.34
CA TYR A 201 17.65 3.10 -27.04
C TYR A 201 16.91 3.49 -25.76
N ALA A 202 17.64 3.94 -24.73
CA ALA A 202 16.99 4.37 -23.49
C ALA A 202 16.12 5.60 -23.76
N ASP A 203 16.63 6.53 -24.56
CA ASP A 203 15.85 7.67 -25.03
C ASP A 203 14.63 7.24 -25.83
N TYR A 204 14.83 6.26 -26.70
CA TYR A 204 13.76 5.76 -27.57
C TYR A 204 12.60 5.19 -26.76
N ALA A 205 12.91 4.41 -25.72
CA ALA A 205 11.88 3.81 -24.87
C ALA A 205 11.16 4.87 -24.04
N TYR A 206 11.92 5.80 -23.45
CA TYR A 206 11.36 6.91 -22.69
C TYR A 206 10.41 7.72 -23.55
N LYS A 207 10.92 8.15 -24.71
CA LYS A 207 10.14 8.95 -25.64
C LYS A 207 8.87 8.23 -26.07
N GLN A 208 8.95 6.91 -26.24
CA GLN A 208 7.80 6.16 -26.75
C GLN A 208 6.71 5.96 -25.71
N VAL A 209 7.08 5.58 -24.49
CA VAL A 209 6.09 5.43 -23.43
C VAL A 209 5.47 6.80 -23.10
N MET A 210 6.27 7.86 -23.07
CA MET A 210 5.75 9.20 -22.91
C MET A 210 4.69 9.49 -23.97
N GLU A 211 5.04 9.23 -25.23
CA GLU A 211 4.11 9.40 -26.34
C GLU A 211 2.80 8.62 -26.10
N LEU A 212 2.91 7.38 -25.62
CA LEU A 212 1.72 6.62 -25.24
C LEU A 212 0.91 7.37 -24.17
N VAL A 213 1.60 7.90 -23.16
CA VAL A 213 0.93 8.62 -22.09
C VAL A 213 0.19 9.84 -22.66
N ASP A 214 0.88 10.66 -23.44
CA ASP A 214 0.27 11.87 -24.02
C ASP A 214 -0.90 11.58 -24.98
N LEU A 215 -0.81 10.51 -25.76
CA LEU A 215 -1.83 10.19 -26.78
C LEU A 215 -3.06 9.45 -26.25
N TYR A 216 -2.85 8.55 -25.28
CA TYR A 216 -3.93 7.65 -24.83
C TYR A 216 -4.18 7.64 -23.32
N LEU A 217 -3.32 8.31 -22.55
CA LEU A 217 -3.35 8.30 -21.09
C LEU A 217 -3.84 6.98 -20.49
N PRO A 218 -3.13 5.87 -20.76
CA PRO A 218 -3.60 4.55 -20.32
C PRO A 218 -3.75 4.41 -18.80
N ASP A 219 -4.65 3.52 -18.38
CA ASP A 219 -4.91 3.27 -16.96
C ASP A 219 -3.87 2.34 -16.35
N VAL A 220 -3.15 1.62 -17.20
CA VAL A 220 -2.04 0.76 -16.78
C VAL A 220 -0.84 0.93 -17.71
N LEU A 221 0.33 1.09 -17.11
CA LEU A 221 1.58 0.99 -17.86
C LEU A 221 2.19 -0.36 -17.52
N TRP A 222 2.16 -1.29 -18.47
CA TRP A 222 2.61 -2.68 -18.27
C TRP A 222 3.87 -2.91 -19.08
N ASN A 223 5.02 -2.85 -18.41
CA ASN A 223 6.30 -3.01 -19.08
C ASN A 223 6.77 -4.46 -19.07
N GLY A 224 7.49 -4.84 -20.14
CA GLY A 224 8.02 -6.19 -20.27
C GLY A 224 9.53 -6.21 -20.33
N MET A 225 10.11 -7.23 -19.68
CA MET A 225 11.54 -7.55 -19.79
C MET A 225 12.48 -6.49 -19.21
N GLY A 226 12.01 -5.75 -18.21
CA GLY A 226 12.86 -4.81 -17.50
C GLY A 226 12.99 -3.52 -18.26
N TRP A 227 13.62 -2.53 -17.65
CA TRP A 227 13.87 -1.25 -18.31
C TRP A 227 15.37 -1.09 -18.55
N PRO A 228 15.76 -0.52 -19.70
CA PRO A 228 17.19 -0.38 -19.99
C PRO A 228 17.93 0.30 -18.84
N GLU A 229 18.99 -0.34 -18.37
CA GLU A 229 19.77 0.16 -17.25
C GLU A 229 20.06 1.67 -17.36
N LYS A 230 20.43 2.12 -18.55
CA LYS A 230 20.78 3.54 -18.77
C LYS A 230 19.59 4.48 -18.64
N GLY A 231 18.39 3.95 -18.79
CA GLY A 231 17.17 4.74 -18.66
C GLY A 231 16.39 4.56 -17.38
N LYS A 232 16.90 3.77 -16.43
CA LYS A 232 16.14 3.46 -15.22
C LYS A 232 15.83 4.70 -14.40
N GLU A 233 16.78 5.62 -14.30
CA GLU A 233 16.55 6.88 -13.60
C GLU A 233 15.51 7.78 -14.28
N ASP A 234 15.27 7.57 -15.57
CA ASP A 234 14.26 8.34 -16.29
C ASP A 234 12.87 8.07 -15.74
N LEU A 235 12.66 6.85 -15.24
CA LEU A 235 11.35 6.39 -14.80
C LEU A 235 10.75 7.14 -13.62
N LYS A 236 11.57 7.77 -12.80
CA LYS A 236 10.99 8.50 -11.68
C LYS A 236 10.36 9.78 -12.20
N TYR A 237 10.98 10.38 -13.22
CA TYR A 237 10.39 11.50 -13.94
C TYR A 237 9.12 11.06 -14.70
N LEU A 238 9.19 9.90 -15.35
CA LEU A 238 8.07 9.40 -16.15
C LEU A 238 6.86 8.98 -15.31
N PHE A 239 7.12 8.39 -14.14
CA PHE A 239 6.05 7.96 -13.24
C PHE A 239 5.35 9.18 -12.65
N ALA A 240 6.14 10.10 -12.08
CA ALA A 240 5.59 11.35 -11.54
C ALA A 240 4.72 12.06 -12.58
N TYR A 241 5.25 12.19 -13.80
CA TYR A 241 4.54 12.77 -14.93
C TYR A 241 3.22 12.07 -15.18
N TYR A 242 3.28 10.75 -15.31
CA TYR A 242 2.10 9.90 -15.50
C TYR A 242 1.06 10.08 -14.40
N TYR A 243 1.49 9.94 -13.15
CA TYR A 243 0.59 10.03 -12.02
C TYR A 243 -0.04 11.41 -11.88
N ASN A 244 0.73 12.46 -12.16
CA ASN A 244 0.21 13.81 -12.03
C ASN A 244 -0.84 14.14 -13.09
N LYS A 245 -0.70 13.56 -14.28
CA LYS A 245 -1.75 13.64 -15.30
C LYS A 245 -2.91 12.71 -14.96
N HIS A 246 -2.61 11.53 -14.42
CA HIS A 246 -3.61 10.48 -14.23
C HIS A 246 -3.38 9.67 -12.93
N PRO A 247 -3.80 10.25 -11.79
CA PRO A 247 -3.61 9.64 -10.47
C PRO A 247 -4.15 8.22 -10.33
N GLU A 248 -5.23 7.91 -11.04
CA GLU A 248 -5.78 6.55 -11.05
C GLU A 248 -5.05 5.62 -12.01
N GLY A 249 -4.01 6.12 -12.68
CA GLY A 249 -3.12 5.27 -13.48
C GLY A 249 -2.39 4.27 -12.58
N SER A 250 -1.85 3.23 -13.20
CA SER A 250 -1.15 2.18 -12.46
C SER A 250 0.06 1.70 -13.25
N VAL A 251 0.96 1.02 -12.55
CA VAL A 251 2.24 0.61 -13.12
C VAL A 251 2.62 -0.78 -12.57
N ASN A 252 3.07 -1.69 -13.44
CA ASN A 252 3.46 -3.03 -13.01
C ASN A 252 4.89 -3.06 -12.45
N ASP A 253 5.46 -4.25 -12.24
CA ASP A 253 6.72 -4.38 -11.50
C ASP A 253 7.85 -5.01 -12.32
N ARG A 254 7.87 -4.74 -13.62
CA ARG A 254 8.87 -5.31 -14.50
C ARG A 254 9.71 -4.22 -15.15
N TRP A 255 10.01 -3.20 -14.36
CA TRP A 255 10.86 -2.08 -14.76
C TRP A 255 12.28 -2.23 -14.21
N GLY A 256 12.43 -2.89 -13.07
CA GLY A 256 13.71 -3.02 -12.40
C GLY A 256 14.10 -1.78 -11.62
N VAL A 257 13.10 -1.08 -11.08
CA VAL A 257 13.31 0.10 -10.23
C VAL A 257 12.50 -0.04 -8.93
N PRO A 258 12.80 0.79 -7.91
CA PRO A 258 12.18 0.60 -6.60
C PRO A 258 10.67 0.85 -6.46
N HIS A 259 9.95 1.13 -7.55
CA HIS A 259 8.52 1.40 -7.46
C HIS A 259 7.67 0.56 -8.41
N TRP A 260 6.48 0.18 -7.92
CA TRP A 260 5.50 -0.58 -8.70
C TRP A 260 4.16 -0.52 -7.95
N ASP A 261 3.05 -0.63 -8.67
CA ASP A 261 1.73 -0.63 -8.02
C ASP A 261 1.21 -2.04 -7.79
N PHE A 262 1.62 -2.98 -8.63
CA PHE A 262 1.27 -4.38 -8.42
C PHE A 262 2.37 -5.28 -8.96
N LYS A 263 2.55 -6.43 -8.33
CA LYS A 263 3.51 -7.42 -8.80
C LYS A 263 2.85 -8.29 -9.85
N THR A 264 3.67 -8.84 -10.75
CA THR A 264 3.18 -9.77 -11.75
C THR A 264 3.70 -11.18 -11.44
N ALA A 265 2.95 -12.17 -11.85
CA ALA A 265 3.34 -13.57 -11.68
C ALA A 265 3.00 -14.31 -12.97
N GLU A 266 3.87 -15.24 -13.34
CA GLU A 266 3.66 -16.06 -14.52
C GLU A 266 3.92 -17.55 -14.22
N TYR A 267 3.69 -17.92 -12.96
CA TYR A 267 3.70 -19.32 -12.51
C TYR A 267 2.91 -19.43 -11.21
N LEU A 275 -1.06 -15.30 2.71
CA LEU A 275 -1.78 -14.26 1.99
C LEU A 275 -0.95 -12.98 1.89
N PRO A 276 -0.60 -12.57 0.65
CA PRO A 276 0.32 -11.45 0.46
C PRO A 276 -0.30 -10.09 0.78
N GLY A 277 0.51 -9.17 1.29
CA GLY A 277 0.05 -7.86 1.73
C GLY A 277 0.08 -6.81 0.64
N TYR A 278 0.36 -7.23 -0.59
CA TYR A 278 0.43 -6.34 -1.73
C TYR A 278 -0.47 -6.89 -2.81
N LYS A 279 -0.93 -6.02 -3.70
CA LYS A 279 -1.73 -6.41 -4.84
C LYS A 279 -0.83 -7.04 -5.89
N TRP A 280 -1.30 -8.10 -6.53
CA TRP A 280 -0.55 -8.75 -7.60
C TRP A 280 -1.49 -9.21 -8.72
N GLU A 281 -0.92 -9.82 -9.75
CA GLU A 281 -1.68 -10.19 -10.95
C GLU A 281 -1.06 -11.39 -11.63
N PHE A 282 -1.87 -12.43 -11.86
CA PHE A 282 -1.45 -13.63 -12.59
C PHE A 282 -1.78 -13.45 -14.07
N THR A 283 -0.78 -13.63 -14.93
CA THR A 283 -0.98 -13.51 -16.37
C THR A 283 -0.70 -14.87 -17.03
N ARG A 284 -1.59 -15.28 -17.92
CA ARG A 284 -1.34 -16.44 -18.78
C ARG A 284 -2.25 -16.43 -20.00
N GLY A 285 -1.92 -17.27 -20.98
CA GLY A 285 -2.73 -17.39 -22.18
C GLY A 285 -3.87 -18.35 -21.97
N ILE A 286 -4.84 -18.31 -22.87
CA ILE A 286 -5.90 -19.30 -22.92
C ILE A 286 -5.24 -20.60 -23.35
N GLY A 287 -4.29 -20.48 -24.28
CA GLY A 287 -3.43 -21.58 -24.69
C GLY A 287 -2.06 -21.53 -24.05
N LEU A 288 -1.07 -22.12 -24.74
CA LEU A 288 0.30 -22.19 -24.25
C LEU A 288 1.15 -20.96 -24.62
N SER A 289 0.81 -20.30 -25.71
CA SER A 289 1.50 -19.08 -26.14
C SER A 289 0.66 -17.84 -25.84
N PHE A 290 1.24 -16.67 -26.08
CA PHE A 290 0.50 -15.42 -25.96
C PHE A 290 0.02 -14.96 -27.33
N GLY A 291 0.89 -15.01 -28.32
CA GLY A 291 0.52 -14.71 -29.70
C GLY A 291 -0.18 -15.89 -30.36
N TYR A 292 -0.98 -15.62 -31.38
CA TYR A 292 -1.73 -16.66 -32.09
C TYR A 292 -0.82 -17.80 -32.53
N ASN A 293 -1.25 -19.03 -32.25
CA ASN A 293 -0.55 -20.24 -32.67
C ASN A 293 -1.52 -21.17 -33.39
N ARG A 294 -1.29 -21.39 -34.69
CA ARG A 294 -2.11 -22.33 -35.48
C ARG A 294 -2.14 -23.72 -34.87
N ASN A 295 -0.98 -24.17 -34.41
CA ASN A 295 -0.80 -25.55 -33.99
C ASN A 295 -1.49 -25.92 -32.68
N GLU A 296 -1.98 -24.91 -31.96
CA GLU A 296 -2.70 -25.15 -30.72
C GLU A 296 -4.15 -25.53 -31.01
N GLY A 297 -4.57 -26.66 -30.44
CA GLY A 297 -5.97 -27.04 -30.37
C GLY A 297 -6.42 -27.08 -28.92
N PRO A 298 -7.63 -27.61 -28.66
CA PRO A 298 -8.22 -27.69 -27.32
C PRO A 298 -7.35 -28.39 -26.28
N GLU A 299 -6.52 -29.34 -26.74
CA GLU A 299 -5.61 -30.05 -25.86
C GLU A 299 -4.53 -29.15 -25.24
N HIS A 300 -4.27 -28.01 -25.86
CA HIS A 300 -3.29 -27.04 -25.36
C HIS A 300 -3.91 -25.86 -24.61
N MET A 301 -5.22 -25.85 -24.46
CA MET A 301 -5.91 -24.72 -23.84
C MET A 301 -6.65 -25.14 -22.58
N LEU A 302 -6.85 -24.18 -21.69
CA LEU A 302 -7.68 -24.37 -20.50
C LEU A 302 -9.15 -24.40 -20.90
N SER A 303 -9.94 -25.16 -20.15
CA SER A 303 -11.38 -25.21 -20.35
C SER A 303 -12.05 -24.06 -19.61
N VAL A 304 -13.32 -23.81 -19.92
CA VAL A 304 -14.11 -22.83 -19.19
C VAL A 304 -14.09 -23.13 -17.70
N GLU A 305 -14.16 -24.41 -17.35
CA GLU A 305 -14.13 -24.83 -15.95
C GLU A 305 -12.80 -24.48 -15.27
N GLN A 306 -11.70 -24.71 -15.98
CA GLN A 306 -10.36 -24.43 -15.44
C GLN A 306 -10.09 -22.94 -15.30
N LEU A 307 -10.54 -22.16 -16.27
CA LEU A 307 -10.44 -20.70 -16.21
C LEU A 307 -11.15 -20.14 -14.98
N VAL A 308 -12.37 -20.59 -14.76
CA VAL A 308 -13.14 -20.21 -13.57
C VAL A 308 -12.36 -20.56 -12.31
N TYR A 309 -11.95 -21.83 -12.21
CA TYR A 309 -11.17 -22.31 -11.07
C TYR A 309 -9.92 -21.47 -10.83
N THR A 310 -9.21 -21.14 -11.90
CA THR A 310 -8.04 -20.27 -11.81
C THR A 310 -8.43 -18.91 -11.27
N LEU A 311 -9.37 -18.26 -11.94
CA LEU A 311 -9.84 -16.91 -11.57
C LEU A 311 -10.25 -16.82 -10.11
N VAL A 312 -10.93 -17.86 -9.61
CA VAL A 312 -11.37 -17.89 -8.21
C VAL A 312 -10.18 -18.07 -7.27
N ASP A 313 -9.25 -18.94 -7.65
CA ASP A 313 -8.05 -19.20 -6.87
C ASP A 313 -7.21 -17.93 -6.70
N VAL A 314 -6.98 -17.24 -7.80
CA VAL A 314 -6.19 -16.02 -7.81
C VAL A 314 -6.84 -14.93 -6.97
N VAL A 315 -8.15 -14.76 -7.14
CA VAL A 315 -8.89 -13.71 -6.44
C VAL A 315 -8.92 -13.94 -4.93
N SER A 316 -9.04 -15.20 -4.53
CA SER A 316 -9.02 -15.56 -3.11
C SER A 316 -7.64 -15.30 -2.48
N LYS A 317 -6.61 -15.26 -3.31
CA LYS A 317 -5.26 -15.02 -2.85
C LYS A 317 -4.81 -13.56 -3.07
N GLY A 318 -5.76 -12.70 -3.41
CA GLY A 318 -5.54 -11.26 -3.48
C GLY A 318 -5.14 -10.71 -4.85
N GLY A 319 -5.21 -11.54 -5.88
CA GLY A 319 -4.72 -11.15 -7.21
C GLY A 319 -5.81 -10.90 -8.23
N ASN A 320 -5.41 -10.30 -9.34
CA ASN A 320 -6.22 -10.24 -10.55
C ASN A 320 -5.77 -11.34 -11.50
N LEU A 321 -6.59 -11.64 -12.50
CA LEU A 321 -6.19 -12.53 -13.60
C LEU A 321 -6.10 -11.70 -14.85
N LEU A 322 -4.96 -11.76 -15.52
CA LEU A 322 -4.78 -11.08 -16.81
C LEU A 322 -4.71 -12.18 -17.86
N LEU A 323 -5.86 -12.53 -18.42
CA LEU A 323 -5.94 -13.64 -19.37
C LEU A 323 -5.57 -13.12 -20.75
N ASN A 324 -4.66 -13.79 -21.43
CA ASN A 324 -4.25 -13.34 -22.77
C ASN A 324 -5.06 -13.92 -23.91
N VAL A 325 -5.39 -13.06 -24.87
CA VAL A 325 -6.00 -13.44 -26.13
C VAL A 325 -4.99 -13.18 -27.26
N GLY A 326 -4.86 -14.12 -28.19
CA GLY A 326 -3.96 -13.98 -29.33
C GLY A 326 -4.70 -13.99 -30.66
N PRO A 327 -5.07 -12.81 -31.19
CA PRO A 327 -5.79 -12.70 -32.47
C PRO A 327 -4.97 -13.04 -33.71
N LYS A 328 -5.67 -13.44 -34.78
CA LYS A 328 -5.03 -13.68 -36.06
C LYS A 328 -4.63 -12.35 -36.69
N GLY A 329 -3.75 -12.42 -37.69
CA GLY A 329 -3.26 -11.23 -38.38
C GLY A 329 -4.33 -10.48 -39.15
N ASP A 330 -5.45 -11.15 -39.44
CA ASP A 330 -6.58 -10.50 -40.12
C ASP A 330 -7.48 -9.72 -39.14
N GLY A 331 -7.19 -9.83 -37.85
CA GLY A 331 -7.90 -9.07 -36.82
C GLY A 331 -9.12 -9.77 -36.25
N THR A 332 -9.19 -11.09 -36.42
CA THR A 332 -10.28 -11.88 -35.87
C THR A 332 -9.76 -12.68 -34.69
N ILE A 333 -10.63 -12.98 -33.74
CA ILE A 333 -10.24 -13.76 -32.56
C ILE A 333 -10.71 -15.20 -32.75
N PRO A 334 -9.75 -16.16 -32.76
CA PRO A 334 -10.08 -17.56 -33.04
C PRO A 334 -11.22 -18.09 -32.19
N ASP A 335 -12.09 -18.90 -32.80
CA ASP A 335 -13.32 -19.37 -32.14
C ASP A 335 -13.03 -20.15 -30.87
N LEU A 336 -11.89 -20.83 -30.83
CA LEU A 336 -11.47 -21.56 -29.63
C LEU A 336 -11.30 -20.62 -28.44
N GLN A 337 -10.77 -19.42 -28.70
CA GLN A 337 -10.57 -18.43 -27.65
C GLN A 337 -11.87 -17.73 -27.31
N LYS A 338 -12.58 -17.24 -28.33
CA LYS A 338 -13.88 -16.60 -28.12
C LYS A 338 -14.82 -17.49 -27.29
N GLU A 339 -14.81 -18.79 -27.58
CA GLU A 339 -15.67 -19.76 -26.91
C GLU A 339 -15.42 -19.77 -25.42
N ARG A 340 -14.15 -19.81 -25.05
CA ARG A 340 -13.73 -19.87 -23.64
C ARG A 340 -13.98 -18.56 -22.90
N LEU A 341 -13.81 -17.43 -23.59
CA LEU A 341 -14.09 -16.13 -22.98
C LEU A 341 -15.56 -15.97 -22.65
N LEU A 342 -16.43 -16.32 -23.61
CA LEU A 342 -17.88 -16.25 -23.41
C LEU A 342 -18.35 -17.19 -22.29
N GLY A 343 -17.68 -18.33 -22.14
CA GLY A 343 -17.99 -19.27 -21.07
C GLY A 343 -17.64 -18.73 -19.70
N LEU A 344 -16.46 -18.13 -19.58
CA LEU A 344 -16.02 -17.49 -18.35
C LEU A 344 -17.01 -16.40 -17.96
N GLY A 345 -17.38 -15.58 -18.94
CA GLY A 345 -18.32 -14.49 -18.74
C GLY A 345 -19.69 -14.92 -18.29
N GLU A 346 -20.10 -16.12 -18.71
CA GLU A 346 -21.39 -16.66 -18.33
C GLU A 346 -21.39 -17.08 -16.86
N TRP A 347 -20.24 -17.55 -16.38
CA TRP A 347 -20.08 -17.85 -14.95
C TRP A 347 -20.00 -16.55 -14.13
N LEU A 348 -19.34 -15.53 -14.66
CA LEU A 348 -19.21 -14.25 -13.98
C LEU A 348 -20.53 -13.49 -13.91
N ARG A 349 -21.31 -13.51 -14.99
CA ARG A 349 -22.66 -12.93 -14.96
C ARG A 349 -23.48 -13.54 -13.81
N LYS A 350 -23.20 -14.81 -13.51
CA LYS A 350 -23.94 -15.58 -12.50
C LYS A 350 -23.37 -15.44 -11.09
N TYR A 351 -22.05 -15.39 -10.95
CA TYR A 351 -21.40 -15.37 -9.63
C TYR A 351 -20.51 -14.13 -9.37
N GLY A 352 -20.59 -13.13 -10.26
CA GLY A 352 -19.83 -11.88 -10.14
C GLY A 352 -19.74 -11.27 -8.76
N ASP A 353 -20.88 -11.18 -8.06
CA ASP A 353 -20.94 -10.65 -6.69
C ASP A 353 -19.92 -11.30 -5.75
N ALA A 354 -19.64 -12.58 -5.96
CA ALA A 354 -18.64 -13.31 -5.15
C ALA A 354 -17.19 -13.00 -5.57
N ILE A 355 -17.01 -12.38 -6.73
CA ILE A 355 -15.66 -12.06 -7.23
C ILE A 355 -15.39 -10.55 -7.25
N TYR A 356 -16.09 -9.82 -8.11
CA TYR A 356 -15.85 -8.39 -8.29
C TYR A 356 -15.95 -7.66 -6.96
N GLY A 357 -15.02 -6.74 -6.72
CA GLY A 357 -15.05 -5.89 -5.53
C GLY A 357 -14.77 -6.58 -4.21
N THR A 358 -14.35 -7.84 -4.25
CA THR A 358 -14.13 -8.61 -3.04
C THR A 358 -12.79 -8.33 -2.39
N SER A 359 -12.58 -8.89 -1.20
CA SER A 359 -11.34 -8.77 -0.45
C SER A 359 -10.92 -10.15 0.05
N VAL A 360 -9.65 -10.29 0.41
CA VAL A 360 -9.16 -11.55 1.00
C VAL A 360 -9.74 -11.75 2.40
N TRP A 361 -10.01 -13.00 2.73
CA TRP A 361 -10.51 -13.38 4.05
C TRP A 361 -9.32 -13.68 4.97
N GLU A 362 -9.59 -14.16 6.18
CA GLU A 362 -8.53 -14.55 7.11
C GLU A 362 -7.72 -15.75 6.62
N ARG A 363 -8.30 -16.54 5.71
CA ARG A 363 -7.58 -17.60 4.99
C ARG A 363 -8.09 -17.66 3.55
N CYS A 364 -7.23 -18.11 2.64
CA CYS A 364 -7.62 -18.26 1.23
C CYS A 364 -8.46 -19.51 0.99
N CYS A 365 -8.12 -20.59 1.70
CA CYS A 365 -8.39 -21.93 1.20
C CYS A 365 -8.80 -22.94 2.26
N ALA A 366 -9.51 -23.96 1.82
CA ALA A 366 -9.90 -25.10 2.66
C ALA A 366 -10.31 -26.27 1.76
N LYS A 367 -10.62 -27.42 2.36
CA LYS A 367 -11.02 -28.60 1.58
C LYS A 367 -12.03 -29.48 2.32
N THR A 368 -12.80 -30.24 1.54
CA THR A 368 -13.75 -31.22 2.10
C THR A 368 -13.06 -32.55 2.33
N GLU A 369 -13.75 -33.45 3.04
CA GLU A 369 -13.28 -34.82 3.19
C GLU A 369 -13.28 -35.56 1.84
N ASP A 370 -14.26 -35.23 0.99
CA ASP A 370 -14.36 -35.76 -0.37
C ASP A 370 -13.22 -35.28 -1.28
N GLY A 371 -12.48 -34.25 -0.87
CA GLY A 371 -11.30 -33.78 -1.60
C GLY A 371 -11.54 -32.54 -2.45
N THR A 372 -12.74 -31.99 -2.39
CA THR A 372 -13.08 -30.79 -3.15
C THR A 372 -12.41 -29.56 -2.55
N GLU A 373 -11.68 -28.81 -3.38
CA GLU A 373 -11.01 -27.59 -2.93
C GLU A 373 -12.04 -26.48 -2.73
N ILE A 374 -11.74 -25.60 -1.77
CA ILE A 374 -12.63 -24.48 -1.45
C ILE A 374 -11.82 -23.19 -1.41
N ARG A 375 -12.43 -22.10 -1.87
CA ARG A 375 -11.79 -20.78 -1.81
C ARG A 375 -12.75 -19.76 -1.21
N PHE A 376 -12.21 -18.81 -0.43
CA PHE A 376 -13.00 -17.77 0.23
C PHE A 376 -12.72 -16.38 -0.33
N THR A 377 -13.77 -15.58 -0.47
CA THR A 377 -13.64 -14.14 -0.68
C THR A 377 -14.56 -13.40 0.29
N ARG A 378 -14.24 -12.14 0.55
CA ARG A 378 -14.92 -11.32 1.55
C ARG A 378 -15.53 -10.09 0.90
N LYS A 379 -16.66 -9.65 1.44
CA LYS A 379 -17.32 -8.42 1.01
C LYS A 379 -17.91 -7.80 2.25
N CYS A 380 -17.06 -7.11 3.01
CA CYS A 380 -17.43 -6.62 4.33
C CYS A 380 -17.77 -7.80 5.25
N ASN A 381 -19.05 -7.92 5.60
CA ASN A 381 -19.54 -8.97 6.51
C ASN A 381 -19.85 -10.27 5.76
N ARG A 382 -20.17 -10.16 4.48
CA ARG A 382 -20.54 -11.30 3.66
C ARG A 382 -19.29 -12.09 3.25
N ILE A 383 -19.23 -13.35 3.69
CA ILE A 383 -18.10 -14.22 3.40
C ILE A 383 -18.53 -15.27 2.38
N PHE A 384 -17.98 -15.20 1.17
CA PHE A 384 -18.33 -16.17 0.12
C PHE A 384 -17.50 -17.44 0.28
N VAL A 385 -18.17 -18.59 0.18
CA VAL A 385 -17.52 -19.90 0.20
C VAL A 385 -17.69 -20.52 -1.18
N ILE A 386 -16.61 -20.53 -1.97
CA ILE A 386 -16.65 -20.99 -3.36
C ILE A 386 -16.00 -22.36 -3.49
N PHE A 387 -16.81 -23.37 -3.82
CA PHE A 387 -16.31 -24.71 -4.03
C PHE A 387 -15.78 -24.84 -5.45
N LEU A 388 -14.64 -25.51 -5.61
CA LEU A 388 -14.05 -25.74 -6.94
C LEU A 388 -14.63 -27.04 -7.49
N GLY A 389 -15.90 -26.97 -7.88
CA GLY A 389 -16.69 -28.14 -8.27
C GLY A 389 -18.00 -28.16 -7.53
N ILE A 390 -18.86 -29.12 -7.86
CA ILE A 390 -20.16 -29.28 -7.20
C ILE A 390 -20.23 -30.66 -6.57
N PRO A 391 -20.18 -30.74 -5.22
CA PRO A 391 -20.29 -32.02 -4.54
C PRO A 391 -21.57 -32.77 -4.90
N THR A 392 -21.46 -34.08 -5.09
CA THR A 392 -22.59 -34.92 -5.45
C THR A 392 -23.20 -35.54 -4.20
N GLY A 393 -23.69 -34.69 -3.30
CA GLY A 393 -24.23 -35.15 -2.02
C GLY A 393 -24.61 -33.98 -1.13
N GLU A 394 -25.59 -34.19 -0.27
CA GLU A 394 -26.12 -33.13 0.56
C GLU A 394 -25.20 -32.82 1.75
N LYS A 395 -24.75 -33.86 2.45
CA LYS A 395 -23.87 -33.68 3.59
C LYS A 395 -22.46 -33.32 3.13
N ILE A 396 -22.00 -32.14 3.53
CA ILE A 396 -20.69 -31.64 3.14
C ILE A 396 -19.90 -31.26 4.38
N VAL A 397 -18.77 -31.93 4.60
CA VAL A 397 -17.89 -31.66 5.73
C VAL A 397 -16.64 -30.92 5.26
N ILE A 398 -16.46 -29.69 5.76
CA ILE A 398 -15.28 -28.89 5.46
C ILE A 398 -14.22 -29.11 6.53
N GLU A 399 -13.03 -29.54 6.12
CA GLU A 399 -11.95 -29.86 7.05
C GLU A 399 -11.34 -28.61 7.69
N ASP A 400 -11.16 -28.66 9.01
CA ASP A 400 -10.50 -27.59 9.77
C ASP A 400 -11.15 -26.21 9.56
N LEU A 401 -12.38 -26.06 10.07
CA LEU A 401 -13.08 -24.79 10.01
C LEU A 401 -14.25 -24.78 11.00
N ASN A 402 -14.41 -23.66 11.71
CA ASN A 402 -15.50 -23.48 12.66
C ASN A 402 -16.22 -22.14 12.43
N LEU A 403 -17.52 -22.12 12.70
CA LEU A 403 -18.32 -20.90 12.66
C LEU A 403 -19.13 -20.77 13.95
N SER A 404 -18.96 -19.64 14.64
CA SER A 404 -19.49 -19.46 16.00
C SER A 404 -21.00 -19.18 16.04
N ALA A 405 -21.51 -18.48 15.03
CA ALA A 405 -22.93 -18.13 14.95
C ALA A 405 -23.29 -17.62 13.55
N GLY A 406 -24.44 -16.96 13.44
CA GLY A 406 -24.85 -16.33 12.19
C GLY A 406 -25.69 -17.25 11.31
N THR A 407 -25.77 -16.91 10.03
CA THR A 407 -26.61 -17.62 9.07
C THR A 407 -25.87 -17.91 7.76
N VAL A 408 -25.64 -19.20 7.50
CA VAL A 408 -25.04 -19.67 6.25
C VAL A 408 -26.17 -19.96 5.27
N ARG A 409 -26.03 -19.49 4.03
CA ARG A 409 -27.07 -19.72 3.01
C ARG A 409 -26.51 -19.86 1.61
N HIS A 410 -27.28 -20.54 0.76
CA HIS A 410 -26.92 -20.83 -0.62
C HIS A 410 -26.93 -19.53 -1.42
N PHE A 411 -25.83 -19.23 -2.09
CA PHE A 411 -25.63 -17.93 -2.75
C PHE A 411 -26.63 -17.64 -3.84
N LEU A 412 -26.75 -18.54 -4.81
CA LEU A 412 -27.57 -18.29 -6.00
C LEU A 412 -29.06 -18.10 -5.67
N THR A 413 -29.61 -18.95 -4.80
CA THR A 413 -31.03 -18.92 -4.46
C THR A 413 -31.34 -18.09 -3.21
N GLY A 414 -30.42 -18.09 -2.25
CA GLY A 414 -30.60 -17.37 -0.99
C GLY A 414 -31.18 -18.23 0.13
N GLU A 415 -31.35 -19.52 -0.14
CA GLU A 415 -31.99 -20.43 0.80
C GLU A 415 -31.10 -20.72 2.02
N ARG A 416 -31.64 -20.54 3.22
CA ARG A 416 -30.93 -20.84 4.46
C ARG A 416 -30.52 -22.33 4.48
N LEU A 417 -29.36 -22.60 5.07
CA LEU A 417 -28.85 -23.95 5.18
C LEU A 417 -28.55 -24.29 6.63
N SER A 418 -28.82 -25.54 7.00
CA SER A 418 -28.52 -26.03 8.34
C SER A 418 -27.04 -26.38 8.40
N PHE A 419 -26.40 -26.08 9.53
CA PHE A 419 -24.98 -26.36 9.71
C PHE A 419 -24.62 -26.46 11.19
N LYS A 420 -23.50 -27.11 11.47
CA LYS A 420 -22.98 -27.18 12.83
C LYS A 420 -21.48 -27.53 12.84
N ASN A 421 -20.82 -27.14 13.92
CA ASN A 421 -19.42 -27.47 14.14
C ASN A 421 -19.26 -28.88 14.72
N VAL A 422 -18.49 -29.72 14.03
CA VAL A 422 -18.16 -31.06 14.50
C VAL A 422 -16.65 -31.11 14.73
N GLY A 423 -16.23 -30.83 15.97
CA GLY A 423 -14.82 -30.78 16.31
C GLY A 423 -14.07 -29.69 15.56
N LYS A 424 -13.06 -30.08 14.79
CA LYS A 424 -12.29 -29.14 13.98
C LYS A 424 -13.10 -28.70 12.78
N ASN A 425 -13.97 -29.59 12.29
CA ASN A 425 -14.66 -29.41 11.01
C ASN A 425 -16.01 -28.71 11.14
N LEU A 426 -16.59 -28.38 10.00
CA LEU A 426 -17.91 -27.76 9.91
C LEU A 426 -18.79 -28.52 8.92
N GLU A 427 -19.89 -29.08 9.41
CA GLU A 427 -20.83 -29.80 8.55
C GLU A 427 -21.94 -28.88 8.06
N ILE A 428 -22.21 -28.92 6.76
CA ILE A 428 -23.30 -28.16 6.16
C ILE A 428 -24.13 -29.08 5.27
N THR A 429 -25.45 -28.98 5.39
CA THR A 429 -26.37 -29.73 4.53
C THR A 429 -26.88 -28.84 3.41
N VAL A 430 -26.64 -29.26 2.17
CA VAL A 430 -27.07 -28.51 0.99
C VAL A 430 -27.95 -29.41 0.14
N PRO A 431 -29.27 -29.19 0.14
CA PRO A 431 -30.18 -30.08 -0.61
C PRO A 431 -29.81 -30.19 -2.09
N LYS A 432 -29.97 -31.40 -2.64
CA LYS A 432 -29.69 -31.67 -4.04
C LYS A 432 -30.40 -30.66 -4.95
N LYS A 433 -31.60 -30.27 -4.54
CA LYS A 433 -32.38 -29.23 -5.21
C LYS A 433 -31.51 -28.01 -5.55
N LEU A 434 -30.69 -27.58 -4.59
CA LEU A 434 -29.87 -26.38 -4.73
C LEU A 434 -28.52 -26.65 -5.42
N LEU A 435 -27.89 -27.77 -5.09
CA LEU A 435 -26.63 -28.17 -5.72
C LEU A 435 -26.80 -28.37 -7.24
N GLU A 436 -28.02 -28.68 -7.66
CA GLU A 436 -28.31 -28.96 -9.06
C GLU A 436 -28.61 -27.71 -9.88
N THR A 437 -28.74 -26.56 -9.22
CA THR A 437 -28.97 -25.29 -9.92
C THR A 437 -27.68 -24.51 -10.13
N ASP A 438 -26.62 -24.93 -9.45
CA ASP A 438 -25.32 -24.29 -9.60
C ASP A 438 -24.64 -24.70 -10.90
N SER A 439 -23.67 -23.89 -11.32
CA SER A 439 -22.89 -24.15 -12.54
C SER A 439 -21.39 -24.08 -12.21
N ILE A 440 -20.67 -25.16 -12.46
CA ILE A 440 -19.22 -25.27 -12.25
C ILE A 440 -18.80 -25.19 -10.78
N THR A 441 -19.38 -24.26 -10.03
CA THR A 441 -19.00 -24.04 -8.63
C THR A 441 -20.22 -23.90 -7.74
N LEU A 442 -20.27 -24.69 -6.67
CA LEU A 442 -21.19 -24.43 -5.57
C LEU A 442 -20.69 -23.19 -4.86
N VAL A 443 -21.58 -22.22 -4.65
CA VAL A 443 -21.23 -21.01 -3.90
C VAL A 443 -22.18 -20.87 -2.71
N LEU A 444 -21.58 -20.69 -1.54
CA LEU A 444 -22.31 -20.44 -0.29
C LEU A 444 -22.02 -19.02 0.20
N GLU A 445 -22.74 -18.57 1.22
CA GLU A 445 -22.62 -17.22 1.74
C GLU A 445 -22.92 -17.17 3.25
N ALA A 446 -21.96 -16.68 4.03
CA ALA A 446 -22.09 -16.64 5.49
C ALA A 446 -22.21 -15.21 6.03
N VAL A 447 -22.38 -15.09 7.35
CA VAL A 447 -22.50 -13.81 8.03
C VAL A 447 -21.96 -13.91 9.46
N LYS B 5 11.85 -19.57 3.83
CA LYS B 5 10.88 -18.88 4.74
C LYS B 5 10.99 -17.35 4.76
N PRO B 6 12.22 -16.79 4.81
CA PRO B 6 12.33 -15.33 4.87
C PRO B 6 11.82 -14.68 3.59
N ARG B 7 10.86 -13.78 3.74
CA ARG B 7 10.09 -13.25 2.63
C ARG B 7 10.81 -12.09 1.96
N TYR B 8 11.36 -11.19 2.77
CA TYR B 8 11.86 -9.91 2.26
C TYR B 8 13.34 -9.98 1.93
N LYS B 9 13.70 -9.38 0.80
CA LYS B 9 15.10 -9.28 0.36
C LYS B 9 15.60 -7.86 0.58
N PRO B 10 16.91 -7.68 0.74
CA PRO B 10 17.49 -6.37 1.01
C PRO B 10 17.69 -5.50 -0.23
N ASP B 11 16.60 -5.22 -0.95
CA ASP B 11 16.60 -4.17 -1.96
C ASP B 11 15.27 -3.42 -1.89
N TRP B 12 15.28 -2.15 -2.28
CA TRP B 12 14.10 -1.28 -2.10
C TRP B 12 12.86 -1.78 -2.86
N GLU B 13 13.08 -2.47 -3.97
CA GLU B 13 11.98 -3.03 -4.75
C GLU B 13 11.27 -4.12 -3.96
N SER B 14 12.06 -5.01 -3.35
CA SER B 14 11.51 -6.10 -2.55
C SER B 14 10.87 -5.62 -1.24
N LEU B 15 11.42 -4.58 -0.64
CA LEU B 15 10.87 -4.06 0.62
C LEU B 15 9.50 -3.39 0.46
N ARG B 16 9.16 -2.95 -0.74
CA ARG B 16 7.82 -2.40 -1.03
C ARG B 16 6.72 -3.43 -0.78
N GLU B 17 7.02 -4.71 -1.01
CA GLU B 17 6.10 -5.82 -0.66
C GLU B 17 5.59 -5.74 0.78
N HIS B 18 6.41 -5.20 1.68
CA HIS B 18 5.95 -4.96 3.06
C HIS B 18 5.12 -3.69 3.14
N THR B 19 3.81 -3.84 3.16
CA THR B 19 2.88 -2.72 3.36
C THR B 19 2.65 -2.49 4.84
N VAL B 20 2.07 -1.33 5.19
CA VAL B 20 1.82 -0.98 6.58
C VAL B 20 0.91 -2.02 7.24
N PRO B 21 1.33 -2.55 8.41
CA PRO B 21 0.55 -3.57 9.12
C PRO B 21 -0.89 -3.17 9.38
N LYS B 22 -1.79 -4.15 9.35
CA LYS B 22 -3.20 -3.92 9.66
C LYS B 22 -3.39 -3.25 11.02
N TRP B 23 -2.72 -3.76 12.05
CA TRP B 23 -2.88 -3.22 13.41
C TRP B 23 -2.63 -1.70 13.49
N PHE B 24 -1.64 -1.22 12.75
CA PHE B 24 -1.26 0.20 12.80
C PHE B 24 -2.30 1.10 12.15
N ASP B 25 -2.74 0.71 10.96
CA ASP B 25 -3.81 1.41 10.26
C ASP B 25 -5.06 1.47 11.13
N LYS B 26 -5.32 0.41 11.89
CA LYS B 26 -6.46 0.32 12.79
C LYS B 26 -6.24 1.04 14.13
N ALA B 27 -5.00 1.04 14.62
CA ALA B 27 -4.68 1.55 15.97
C ALA B 27 -5.18 2.97 16.20
N LYS B 28 -4.94 3.85 15.22
CA LYS B 28 -5.48 5.22 15.20
C LYS B 28 -4.91 6.21 16.22
N PHE B 29 -4.60 5.76 17.43
CA PHE B 29 -4.04 6.65 18.44
C PHE B 29 -2.91 5.99 19.22
N GLY B 30 -1.75 6.66 19.27
CA GLY B 30 -0.57 6.17 19.98
C GLY B 30 0.05 7.23 20.87
N ILE B 31 0.88 6.79 21.83
CA ILE B 31 1.53 7.69 22.78
C ILE B 31 3.04 7.80 22.57
N PHE B 32 3.50 9.03 22.36
CA PHE B 32 4.92 9.35 22.24
C PHE B 32 5.42 9.67 23.64
N ILE B 33 6.64 9.27 23.96
CA ILE B 33 7.22 9.60 25.27
C ILE B 33 8.63 10.14 25.08
N HIS B 34 8.78 11.46 25.15
CA HIS B 34 10.10 12.09 25.17
C HIS B 34 10.55 12.20 26.62
N TRP B 35 11.56 11.42 26.96
CA TRP B 35 12.01 11.31 28.34
C TRP B 35 13.50 11.01 28.31
N GLY B 36 14.29 11.94 28.86
CA GLY B 36 15.74 11.77 28.96
C GLY B 36 16.32 12.61 30.08
N ILE B 37 17.63 12.83 30.05
CA ILE B 37 18.28 13.60 31.12
C ILE B 37 17.90 15.08 31.01
N TYR B 38 17.47 15.49 29.83
CA TYR B 38 16.92 16.83 29.60
C TYR B 38 15.66 17.07 30.44
N SER B 39 14.99 15.99 30.84
CA SER B 39 13.80 16.08 31.69
C SER B 39 14.11 16.63 33.08
N VAL B 40 15.38 16.59 33.50
CA VAL B 40 15.75 17.10 34.81
C VAL B 40 15.59 18.62 34.83
N PRO B 41 16.39 19.36 34.05
CA PRO B 41 16.14 20.80 34.06
C PRO B 41 14.72 21.16 33.61
N GLY B 42 14.19 20.38 32.68
CA GLY B 42 12.81 20.55 32.20
C GLY B 42 12.40 21.99 32.01
N TRP B 43 13.21 22.75 31.28
CA TRP B 43 13.02 24.18 31.10
C TRP B 43 13.11 24.58 29.62
N ALA B 44 12.18 25.43 29.20
CA ALA B 44 12.19 26.02 27.85
C ALA B 44 11.24 27.22 27.82
N THR B 45 11.61 28.22 27.02
CA THR B 45 10.74 29.38 26.78
C THR B 45 9.61 28.95 25.86
N PRO B 46 8.34 29.01 26.34
CA PRO B 46 7.21 28.57 25.51
C PRO B 46 6.85 29.59 24.41
N THR B 47 7.71 29.69 23.40
CA THR B 47 7.61 30.74 22.39
C THR B 47 6.34 30.63 21.53
N GLY B 48 5.97 29.40 21.19
CA GLY B 48 4.79 29.16 20.36
C GLY B 48 4.88 27.87 19.57
N GLU B 49 4.03 27.75 18.55
CA GLU B 49 3.92 26.54 17.74
C GLU B 49 4.88 26.56 16.55
N LEU B 50 5.12 25.38 15.99
CA LEU B 50 5.98 25.23 14.81
C LEU B 50 5.24 25.66 13.53
N VAL B 53 5.84 31.25 14.83
CA VAL B 53 7.21 31.49 15.26
C VAL B 53 8.17 31.50 14.06
N PRO B 54 8.76 32.66 13.73
CA PRO B 54 9.72 32.70 12.61
C PRO B 54 10.91 31.77 12.86
N MET B 55 11.26 30.98 11.84
CA MET B 55 12.17 29.85 12.03
C MET B 55 13.65 30.25 12.27
N ASP B 56 14.03 31.47 11.94
CA ASP B 56 15.37 31.96 12.25
C ASP B 56 15.57 32.11 13.77
N ALA B 57 14.64 32.81 14.42
CA ALA B 57 14.68 32.99 15.87
C ALA B 57 14.38 31.70 16.65
N TRP B 58 13.71 30.74 16.00
CA TRP B 58 13.30 29.46 16.62
C TRP B 58 14.35 28.86 17.57
N PHE B 59 15.52 28.52 17.03
CA PHE B 59 16.56 27.83 17.83
C PHE B 59 17.16 28.69 18.95
N PHE B 60 17.00 30.00 18.86
CA PHE B 60 17.45 30.92 19.90
C PHE B 60 16.43 31.03 21.04
N GLN B 61 15.16 30.82 20.72
CA GLN B 61 14.09 30.80 21.74
C GLN B 61 13.37 29.46 21.64
N ASN B 62 14.13 28.37 21.66
CA ASN B 62 13.58 27.05 21.34
C ASN B 62 12.52 26.61 22.33
N PRO B 63 11.29 26.39 21.86
CA PRO B 63 10.20 25.92 22.75
C PRO B 63 10.30 24.46 23.16
N TYR B 64 11.08 23.67 22.42
CA TYR B 64 11.26 22.26 22.73
C TYR B 64 12.27 22.12 23.87
N ALA B 65 11.80 21.59 25.00
CA ALA B 65 12.63 21.42 26.19
C ALA B 65 13.68 20.32 26.03
N GLU B 66 13.50 19.40 25.07
CA GLU B 66 14.51 18.35 24.80
C GLU B 66 15.78 18.93 24.15
N TRP B 67 15.63 20.07 23.49
CA TRP B 67 16.74 20.75 22.85
C TRP B 67 17.59 21.56 23.83
N TYR B 68 17.42 21.29 25.12
CA TYR B 68 18.14 22.00 26.20
C TYR B 68 19.64 22.15 25.93
N GLU B 69 20.30 21.06 25.55
CA GLU B 69 21.74 21.08 25.33
C GLU B 69 22.11 21.96 24.15
N ASN B 70 21.37 21.86 23.05
CA ASN B 70 21.58 22.74 21.91
C ASN B 70 21.43 24.21 22.29
N SER B 71 20.37 24.52 23.04
CA SER B 71 20.13 25.89 23.53
C SER B 71 21.23 26.35 24.49
N LEU B 72 21.65 25.46 25.40
CA LEU B 72 22.75 25.75 26.31
C LEU B 72 24.07 26.05 25.58
N ARG B 73 24.31 25.37 24.47
CA ARG B 73 25.50 25.63 23.65
C ARG B 73 25.47 27.00 22.97
N ILE B 74 24.28 27.54 22.74
CA ILE B 74 24.12 28.93 22.32
C ILE B 74 24.26 29.82 23.55
N LYS B 75 25.40 30.47 23.69
CA LYS B 75 25.72 31.28 24.87
C LYS B 75 24.81 32.51 24.98
N GLU B 76 24.20 32.90 23.86
CA GLU B 76 23.28 34.04 23.81
C GLU B 76 21.89 33.72 24.41
N SER B 77 21.57 32.43 24.55
CA SER B 77 20.20 32.00 24.76
C SER B 77 19.66 32.25 26.17
N PRO B 78 18.31 32.26 26.31
CA PRO B 78 17.63 32.23 27.61
C PRO B 78 17.97 30.98 28.43
N THR B 79 18.16 29.85 27.76
CA THR B 79 18.54 28.61 28.42
C THR B 79 19.91 28.73 29.09
N TRP B 80 20.83 29.48 28.46
CA TRP B 80 22.13 29.73 29.05
C TRP B 80 22.00 30.59 30.30
N GLU B 81 21.21 31.66 30.21
CA GLU B 81 20.89 32.50 31.38
C GLU B 81 20.33 31.64 32.51
N TYR B 82 19.31 30.85 32.21
CA TYR B 82 18.67 29.99 33.20
C TYR B 82 19.66 28.99 33.80
N HIS B 83 20.45 28.37 32.93
CA HIS B 83 21.38 27.31 33.35
C HIS B 83 22.45 27.84 34.30
N VAL B 84 23.01 28.99 33.96
CA VAL B 84 24.03 29.63 34.79
C VAL B 84 23.47 29.99 36.16
N LYS B 85 22.30 30.63 36.14
CA LYS B 85 21.69 31.11 37.38
C LYS B 85 21.09 30.00 38.23
N THR B 86 20.73 28.87 37.61
CA THR B 86 20.15 27.73 38.33
C THR B 86 21.17 26.65 38.69
N TYR B 87 22.14 26.42 37.80
CA TYR B 87 23.09 25.31 37.96
C TYR B 87 24.57 25.72 37.95
N GLY B 88 24.91 26.75 37.17
CA GLY B 88 26.29 27.27 37.14
C GLY B 88 26.99 26.99 35.82
N GLU B 89 27.87 27.91 35.41
CA GLU B 89 28.59 27.80 34.15
C GLU B 89 29.33 26.46 34.00
N ASN B 90 30.07 26.08 35.03
CA ASN B 90 30.90 24.87 35.00
C ASN B 90 30.09 23.56 35.05
N PHE B 91 28.82 23.66 35.45
CA PHE B 91 27.89 22.52 35.45
C PHE B 91 27.60 22.08 34.01
N GLU B 92 28.26 21.02 33.56
CA GLU B 92 28.12 20.52 32.18
C GLU B 92 26.81 19.75 31.99
N TYR B 93 26.28 19.78 30.78
CA TYR B 93 24.99 19.12 30.47
C TYR B 93 25.01 17.62 30.79
N GLU B 94 26.11 16.94 30.45
CA GLU B 94 26.30 15.52 30.75
C GLU B 94 25.97 15.17 32.20
N LYS B 95 26.20 16.12 33.11
CA LYS B 95 26.00 15.94 34.54
C LYS B 95 24.55 15.64 34.94
N PHE B 96 23.60 15.94 34.06
CA PHE B 96 22.18 15.65 34.33
C PHE B 96 21.86 14.16 34.28
N ALA B 97 22.70 13.38 33.58
CA ALA B 97 22.57 11.93 33.57
C ALA B 97 22.61 11.34 34.98
N ASP B 98 23.53 11.84 35.80
CA ASP B 98 23.65 11.40 37.19
C ASP B 98 22.46 11.84 38.04
N LEU B 99 21.85 12.98 37.69
CA LEU B 99 20.69 13.51 38.41
C LEU B 99 19.36 12.87 37.98
N PHE B 100 19.36 12.18 36.84
CA PHE B 100 18.16 11.55 36.28
C PHE B 100 17.97 10.15 36.89
N THR B 101 17.28 10.09 38.02
CA THR B 101 17.19 8.86 38.82
C THR B 101 15.88 8.09 38.69
N ALA B 102 14.83 8.74 38.18
CA ALA B 102 13.53 8.09 37.97
C ALA B 102 13.00 7.43 39.25
N GLU B 103 13.14 8.15 40.37
CA GLU B 103 12.86 7.62 41.70
C GLU B 103 11.40 7.14 41.86
N LYS B 104 10.47 7.88 41.27
CA LYS B 104 9.04 7.57 41.40
C LYS B 104 8.47 6.91 40.13
N TRP B 105 9.33 6.21 39.39
CA TRP B 105 8.91 5.60 38.12
C TRP B 105 8.29 4.21 38.33
N ASP B 106 7.06 4.05 37.85
CA ASP B 106 6.39 2.75 37.84
C ASP B 106 5.89 2.46 36.42
N PRO B 107 6.60 1.59 35.68
CA PRO B 107 6.23 1.28 34.29
C PRO B 107 4.81 0.71 34.09
N GLN B 108 4.31 -0.02 35.06
CA GLN B 108 2.92 -0.50 35.01
C GLN B 108 1.92 0.66 35.16
N GLU B 109 2.31 1.67 35.93
CA GLU B 109 1.47 2.84 36.15
C GLU B 109 1.31 3.63 34.84
N TRP B 110 2.41 3.80 34.10
CA TRP B 110 2.38 4.46 32.80
C TRP B 110 1.54 3.66 31.80
N ALA B 111 1.80 2.35 31.73
CA ALA B 111 1.10 1.45 30.82
C ALA B 111 -0.40 1.42 31.08
N ASP B 112 -0.78 1.40 32.36
CA ASP B 112 -2.18 1.45 32.74
C ASP B 112 -2.81 2.79 32.33
N LEU B 113 -2.04 3.88 32.48
CA LEU B 113 -2.50 5.22 32.12
C LEU B 113 -2.82 5.31 30.63
N PHE B 114 -1.88 4.84 29.81
CA PHE B 114 -1.99 4.93 28.36
C PHE B 114 -3.12 4.09 27.83
N LYS B 115 -3.33 2.93 28.46
CA LYS B 115 -4.49 2.08 28.15
C LYS B 115 -5.77 2.86 28.42
N LYS B 116 -5.87 3.47 29.60
CA LYS B 116 -7.04 4.27 29.97
C LYS B 116 -7.26 5.48 29.06
N ALA B 117 -6.19 6.01 28.46
CA ALA B 117 -6.29 7.11 27.50
C ALA B 117 -6.80 6.66 26.13
N GLY B 118 -6.78 5.36 25.88
CA GLY B 118 -7.27 4.81 24.62
C GLY B 118 -6.18 4.50 23.61
N ALA B 119 -4.93 4.82 23.96
CA ALA B 119 -3.80 4.60 23.08
C ALA B 119 -3.57 3.11 22.81
N LYS B 120 -3.32 2.79 21.55
CA LYS B 120 -3.14 1.40 21.13
C LYS B 120 -1.68 1.01 20.93
N TYR B 121 -0.79 2.01 20.94
CA TYR B 121 0.65 1.76 20.93
C TYR B 121 1.40 2.85 21.66
N VAL B 122 2.62 2.52 22.10
CA VAL B 122 3.46 3.44 22.87
C VAL B 122 4.87 3.45 22.28
N ILE B 123 5.42 4.65 22.10
CA ILE B 123 6.76 4.82 21.52
C ILE B 123 7.62 5.81 22.34
N PRO B 124 8.52 5.29 23.18
CA PRO B 124 9.42 6.16 23.92
C PRO B 124 10.73 6.49 23.19
N THR B 125 11.33 7.62 23.53
CA THR B 125 12.66 8.00 23.03
C THR B 125 13.73 7.10 23.63
N THR B 126 14.35 6.27 22.80
CA THR B 126 15.39 5.37 23.27
C THR B 126 16.74 6.08 23.29
N LYS B 127 16.90 7.03 22.36
CA LYS B 127 18.05 7.92 22.31
C LYS B 127 17.67 9.13 21.48
N HIS B 128 17.66 10.30 22.09
CA HIS B 128 17.31 11.54 21.42
C HIS B 128 18.59 12.25 20.95
N HIS B 129 18.48 13.51 20.53
CA HIS B 129 19.60 14.22 19.91
C HIS B 129 20.82 14.35 20.82
N ASP B 130 20.61 14.37 22.14
CA ASP B 130 21.72 14.47 23.10
C ASP B 130 22.55 13.19 23.27
N GLY B 131 22.09 12.09 22.68
CA GLY B 131 22.88 10.85 22.63
C GLY B 131 22.75 9.92 23.83
N PHE B 132 21.98 10.33 24.84
CA PHE B 132 21.80 9.50 26.01
C PHE B 132 20.80 8.39 25.70
N CYS B 133 21.24 7.15 25.87
CA CYS B 133 20.44 5.97 25.54
C CYS B 133 19.70 5.44 26.79
N LEU B 134 18.38 5.24 26.68
CA LEU B 134 17.59 4.72 27.80
C LEU B 134 17.55 3.19 27.87
N TRP B 135 18.62 2.51 27.48
CA TRP B 135 18.73 1.06 27.64
C TRP B 135 20.18 0.64 27.80
N GLY B 136 20.41 -0.61 28.16
CA GLY B 136 21.75 -1.10 28.45
C GLY B 136 22.58 -1.38 27.21
N THR B 137 22.76 -0.38 26.35
CA THR B 137 23.48 -0.57 25.10
C THR B 137 24.94 -0.88 25.38
N LYS B 138 25.56 -1.70 24.54
CA LYS B 138 26.96 -2.05 24.71
C LYS B 138 27.90 -1.23 23.81
N TYR B 139 27.37 -0.17 23.21
CA TYR B 139 28.14 0.68 22.31
C TYR B 139 28.42 2.08 22.86
N THR B 140 27.89 2.37 24.04
CA THR B 140 28.20 3.59 24.78
C THR B 140 27.91 3.41 26.27
N ASP B 141 28.77 3.98 27.11
CA ASP B 141 28.57 3.99 28.58
C ASP B 141 27.59 5.08 29.00
N PHE B 142 27.20 5.93 28.06
CA PHE B 142 26.31 7.04 28.33
C PHE B 142 24.87 6.55 28.20
N ASN B 143 24.44 5.75 29.19
CA ASN B 143 23.12 5.12 29.15
C ASN B 143 22.51 4.96 30.53
N SER B 144 21.19 4.72 30.56
CA SER B 144 20.42 4.66 31.80
C SER B 144 20.84 3.54 32.75
N VAL B 145 21.44 2.47 32.23
CA VAL B 145 21.87 1.35 33.07
C VAL B 145 23.15 1.69 33.84
N LYS B 146 24.06 2.43 33.19
CA LYS B 146 25.33 2.84 33.82
C LYS B 146 25.21 4.15 34.61
N ARG B 147 24.27 5.03 34.24
CA ARG B 147 24.15 6.32 34.89
C ARG B 147 22.91 6.37 35.80
N GLY B 148 22.24 7.52 35.90
CA GLY B 148 21.30 7.81 36.98
C GLY B 148 20.32 6.72 37.40
N PRO B 149 19.45 6.29 36.49
CA PRO B 149 18.40 5.34 36.86
C PRO B 149 18.90 3.94 37.23
N LYS B 150 20.12 3.58 36.81
CA LYS B 150 20.67 2.25 37.04
C LYS B 150 19.66 1.18 36.63
N ARG B 151 19.07 1.36 35.45
CA ARG B 151 17.91 0.56 35.04
C ARG B 151 17.71 0.60 33.52
N ASP B 152 17.19 -0.49 32.97
CA ASP B 152 16.83 -0.57 31.55
C ASP B 152 15.41 -0.07 31.35
N LEU B 153 15.29 1.24 31.13
CA LEU B 153 13.98 1.88 31.02
C LEU B 153 13.20 1.39 29.81
N VAL B 154 13.87 1.31 28.65
CA VAL B 154 13.23 0.85 27.42
C VAL B 154 12.69 -0.58 27.60
N GLY B 155 13.50 -1.45 28.20
CA GLY B 155 13.09 -2.84 28.43
C GLY B 155 11.95 -2.99 29.43
N ASP B 156 12.01 -2.24 30.52
CA ASP B 156 10.99 -2.33 31.57
C ASP B 156 9.67 -1.73 31.09
N LEU B 157 9.74 -0.64 30.34
CA LEU B 157 8.55 -0.07 29.71
C LEU B 157 8.01 -0.96 28.60
N ALA B 158 8.91 -1.58 27.84
CA ALA B 158 8.52 -2.51 26.78
C ALA B 158 7.67 -3.66 27.34
N LYS B 159 8.13 -4.21 28.46
CA LYS B 159 7.48 -5.31 29.14
C LYS B 159 6.10 -4.89 29.65
N ALA B 160 6.04 -3.75 30.34
CA ALA B 160 4.82 -3.25 30.93
C ALA B 160 3.75 -2.91 29.88
N VAL B 161 4.18 -2.23 28.80
CA VAL B 161 3.28 -1.88 27.71
C VAL B 161 2.65 -3.13 27.08
N ARG B 162 3.48 -4.15 26.84
CA ARG B 162 2.98 -5.41 26.29
C ARG B 162 2.09 -6.20 27.27
N GLU B 163 2.36 -6.09 28.56
CA GLU B 163 1.45 -6.66 29.58
C GLU B 163 0.05 -6.03 29.51
N ALA B 164 -0.01 -4.72 29.30
CA ALA B 164 -1.29 -4.01 29.17
C ALA B 164 -1.99 -4.27 27.82
N GLY B 165 -1.33 -5.02 26.93
CA GLY B 165 -1.93 -5.40 25.66
C GLY B 165 -1.78 -4.35 24.58
N LEU B 166 -0.91 -3.37 24.79
CA LEU B 166 -0.64 -2.36 23.78
C LEU B 166 0.66 -2.71 23.04
N ARG B 167 0.77 -2.21 21.82
CA ARG B 167 1.96 -2.38 21.00
C ARG B 167 3.08 -1.47 21.48
N PHE B 168 4.32 -1.86 21.19
CA PHE B 168 5.49 -1.09 21.62
C PHE B 168 6.44 -0.82 20.46
N GLY B 169 6.76 0.44 20.24
CA GLY B 169 7.75 0.84 19.24
C GLY B 169 8.93 1.51 19.90
N VAL B 170 9.90 1.93 19.10
CA VAL B 170 11.04 2.71 19.60
C VAL B 170 11.32 3.92 18.73
N TYR B 171 11.58 5.04 19.39
CA TYR B 171 12.13 6.21 18.76
C TYR B 171 13.65 6.18 18.90
N TYR B 172 14.36 6.45 17.81
CA TYR B 172 15.81 6.60 17.85
C TYR B 172 16.20 7.83 17.02
N SER B 173 17.08 8.66 17.57
CA SER B 173 17.62 9.81 16.85
C SER B 173 18.81 9.39 16.00
N GLY B 174 18.52 8.95 14.78
CA GLY B 174 19.56 8.56 13.82
C GLY B 174 20.32 9.75 13.25
N GLY B 175 19.61 10.82 12.93
CA GLY B 175 20.23 11.94 12.21
C GLY B 175 21.03 12.90 13.06
N LEU B 176 20.72 12.93 14.35
CA LEU B 176 21.33 13.89 15.24
C LEU B 176 21.86 13.12 16.45
N ASP B 177 23.09 13.42 16.85
CA ASP B 177 23.66 12.97 18.12
C ASP B 177 24.74 13.97 18.54
N TRP B 178 24.47 14.69 19.62
CA TRP B 178 25.32 15.81 20.02
C TRP B 178 26.57 15.41 20.79
N ARG B 179 26.79 14.09 20.93
CA ARG B 179 28.05 13.59 21.48
C ARG B 179 29.13 13.59 20.41
N PHE B 180 28.73 13.73 19.14
CA PHE B 180 29.66 13.71 18.00
C PHE B 180 29.81 15.09 17.34
N THR B 181 29.21 16.12 17.93
CA THR B 181 29.36 17.50 17.48
C THR B 181 29.57 18.43 18.68
N THR B 182 30.20 19.58 18.43
CA THR B 182 30.41 20.59 19.48
C THR B 182 29.60 21.86 19.23
N GLU B 183 29.55 22.30 17.99
CA GLU B 183 28.87 23.54 17.61
C GLU B 183 27.34 23.29 17.58
N PRO B 184 26.54 24.25 18.09
CA PRO B 184 25.10 24.09 18.15
C PRO B 184 24.36 24.53 16.89
N ILE B 185 23.11 24.10 16.77
CA ILE B 185 22.24 24.53 15.69
C ILE B 185 21.63 25.89 16.06
N ARG B 186 21.95 26.92 15.27
CA ARG B 186 21.37 28.25 15.44
C ARG B 186 20.33 28.56 14.37
N TYR B 187 20.52 27.98 13.18
CA TYR B 187 19.61 28.17 12.06
C TYR B 187 19.36 26.83 11.37
N PRO B 188 18.20 26.70 10.68
CA PRO B 188 17.88 25.46 9.96
C PRO B 188 18.97 25.01 8.99
N GLU B 189 19.68 25.96 8.38
CA GLU B 189 20.74 25.64 7.43
C GLU B 189 21.92 24.91 8.09
N ASP B 190 22.11 25.14 9.40
CA ASP B 190 23.16 24.44 10.15
C ASP B 190 23.01 22.91 10.10
N LEU B 191 21.77 22.45 10.02
CA LEU B 191 21.48 21.01 9.94
C LEU B 191 22.03 20.30 8.70
N SER B 192 22.35 21.07 7.66
CA SER B 192 22.90 20.48 6.44
C SER B 192 24.40 20.15 6.55
N TYR B 193 25.06 20.63 7.60
CA TYR B 193 26.48 20.28 7.83
C TYR B 193 26.86 19.93 9.28
N ILE B 194 26.15 20.47 10.27
CA ILE B 194 26.53 20.18 11.67
C ILE B 194 25.93 18.86 12.11
N ARG B 195 26.56 17.78 11.68
CA ARG B 195 26.10 16.42 11.95
C ARG B 195 27.35 15.60 12.28
N PRO B 196 27.18 14.38 12.82
CA PRO B 196 28.39 13.59 13.10
C PRO B 196 29.25 13.36 11.85
N ASN B 197 28.60 13.05 10.73
CA ASN B 197 29.25 12.95 9.40
C ASN B 197 30.29 11.85 9.22
N THR B 198 30.65 11.15 10.30
CA THR B 198 31.70 10.14 10.24
C THR B 198 31.14 8.76 9.92
N TYR B 199 31.94 7.94 9.26
CA TYR B 199 31.60 6.53 9.06
C TYR B 199 31.38 5.85 10.42
N GLU B 200 32.21 6.22 11.39
CA GLU B 200 32.10 5.75 12.76
C GLU B 200 30.66 5.92 13.30
N TYR B 201 30.08 7.09 13.08
CA TYR B 201 28.71 7.33 13.55
C TYR B 201 27.67 6.48 12.80
N ALA B 202 27.87 6.27 11.49
CA ALA B 202 26.96 5.45 10.69
C ALA B 202 26.88 4.01 11.23
N ASP B 203 28.05 3.43 11.50
CA ASP B 203 28.16 2.12 12.15
C ASP B 203 27.46 2.12 13.52
N TYR B 204 27.67 3.18 14.28
CA TYR B 204 27.13 3.32 15.62
C TYR B 204 25.59 3.26 15.63
N ALA B 205 24.97 3.99 14.70
CA ALA B 205 23.53 4.05 14.60
C ALA B 205 22.96 2.73 14.08
N TYR B 206 23.65 2.11 13.13
CA TYR B 206 23.28 0.78 12.63
C TYR B 206 23.28 -0.23 13.78
N LYS B 207 24.40 -0.29 14.48
CA LYS B 207 24.56 -1.20 15.62
C LYS B 207 23.50 -0.98 16.68
N GLN B 208 23.22 0.28 16.99
CA GLN B 208 22.25 0.58 18.07
C GLN B 208 20.80 0.21 17.72
N VAL B 209 20.38 0.48 16.49
CA VAL B 209 19.03 0.10 16.04
C VAL B 209 18.90 -1.41 15.82
N MET B 210 19.96 -2.05 15.33
CA MET B 210 20.02 -3.51 15.30
C MET B 210 19.88 -4.07 16.72
N GLU B 211 20.59 -3.46 17.65
CA GLU B 211 20.59 -3.93 19.03
C GLU B 211 19.19 -3.80 19.63
N LEU B 212 18.52 -2.68 19.35
CA LEU B 212 17.13 -2.49 19.76
C LEU B 212 16.24 -3.58 19.16
N VAL B 213 16.46 -3.89 17.88
CA VAL B 213 15.71 -4.97 17.21
C VAL B 213 15.95 -6.33 17.88
N ASP B 214 17.21 -6.71 18.07
CA ASP B 214 17.51 -8.00 18.71
C ASP B 214 16.99 -8.08 20.15
N LEU B 215 17.07 -6.99 20.91
CA LEU B 215 16.65 -6.98 22.32
C LEU B 215 15.13 -6.95 22.53
N TYR B 216 14.45 -6.06 21.81
CA TYR B 216 13.05 -5.74 22.11
C TYR B 216 12.08 -6.05 20.98
N LEU B 217 12.61 -6.26 19.78
CA LEU B 217 11.82 -6.53 18.58
C LEU B 217 10.58 -5.64 18.51
N PRO B 218 10.79 -4.30 18.47
CA PRO B 218 9.69 -3.33 18.54
C PRO B 218 8.75 -3.39 17.34
N ASP B 219 7.50 -2.95 17.54
CA ASP B 219 6.48 -2.99 16.50
C ASP B 219 6.63 -1.82 15.53
N VAL B 220 7.31 -0.78 15.98
CA VAL B 220 7.59 0.37 15.15
C VAL B 220 9.04 0.78 15.34
N LEU B 221 9.69 1.09 14.22
CA LEU B 221 11.00 1.73 14.23
C LEU B 221 10.77 3.18 13.81
N TRP B 222 10.90 4.09 14.78
CA TRP B 222 10.60 5.50 14.55
C TRP B 222 11.90 6.31 14.61
N ASN B 223 12.42 6.67 13.44
CA ASN B 223 13.67 7.44 13.36
C ASN B 223 13.40 8.91 13.29
N GLY B 224 14.31 9.71 13.86
CA GLY B 224 14.21 11.17 13.82
C GLY B 224 15.37 11.82 13.09
N MET B 225 15.07 12.89 12.36
CA MET B 225 16.07 13.75 11.70
C MET B 225 16.90 13.09 10.61
N GLY B 226 16.35 12.06 9.96
CA GLY B 226 17.03 11.42 8.84
C GLY B 226 18.09 10.42 9.28
N TRP B 227 18.58 9.65 8.31
CA TRP B 227 19.63 8.67 8.56
C TRP B 227 20.96 9.14 7.94
N PRO B 228 22.07 9.03 8.68
CA PRO B 228 23.34 9.53 8.17
C PRO B 228 23.63 9.05 6.76
N GLU B 229 24.05 9.97 5.89
CA GLU B 229 24.18 9.68 4.47
C GLU B 229 25.01 8.43 4.20
N LYS B 230 26.04 8.22 5.01
CA LYS B 230 26.94 7.08 4.84
C LYS B 230 26.29 5.75 5.22
N GLY B 231 25.26 5.80 6.05
CA GLY B 231 24.56 4.60 6.50
C GLY B 231 23.26 4.27 5.78
N LYS B 232 22.89 5.09 4.80
CA LYS B 232 21.58 4.93 4.14
C LYS B 232 21.40 3.60 3.45
N GLU B 233 22.42 3.16 2.73
CA GLU B 233 22.40 1.84 2.10
C GLU B 233 22.38 0.68 3.11
N ASP B 234 22.75 0.92 4.36
CA ASP B 234 22.64 -0.11 5.40
C ASP B 234 21.19 -0.49 5.69
N LEU B 235 20.28 0.49 5.58
CA LEU B 235 18.89 0.30 5.98
C LEU B 235 18.13 -0.74 5.17
N LYS B 236 18.54 -1.01 3.94
CA LYS B 236 17.84 -2.04 3.17
C LYS B 236 18.13 -3.41 3.77
N TYR B 237 19.32 -3.56 4.34
CA TYR B 237 19.64 -4.78 5.11
C TYR B 237 18.88 -4.80 6.43
N LEU B 238 18.84 -3.65 7.12
CA LEU B 238 18.22 -3.55 8.45
C LEU B 238 16.71 -3.78 8.40
N PHE B 239 16.07 -3.23 7.37
CA PHE B 239 14.64 -3.40 7.20
C PHE B 239 14.32 -4.85 6.86
N ALA B 240 15.06 -5.41 5.92
CA ALA B 240 14.88 -6.82 5.56
C ALA B 240 15.02 -7.72 6.79
N TYR B 241 16.10 -7.49 7.54
CA TYR B 241 16.36 -8.18 8.81
C TYR B 241 15.19 -8.03 9.78
N TYR B 242 14.70 -6.81 9.91
CA TYR B 242 13.60 -6.49 10.82
C TYR B 242 12.30 -7.18 10.43
N TYR B 243 11.89 -7.03 9.17
CA TYR B 243 10.63 -7.61 8.68
C TYR B 243 10.65 -9.14 8.66
N ASN B 244 11.83 -9.74 8.48
CA ASN B 244 11.97 -11.19 8.50
C ASN B 244 11.88 -11.80 9.90
N LYS B 245 12.20 -11.00 10.93
CA LYS B 245 11.99 -11.42 12.32
C LYS B 245 10.60 -11.03 12.81
N HIS B 246 10.07 -9.92 12.27
CA HIS B 246 8.81 -9.34 12.75
C HIS B 246 8.05 -8.64 11.60
N PRO B 247 7.30 -9.42 10.80
CA PRO B 247 6.57 -8.86 9.65
C PRO B 247 5.49 -7.82 9.99
N GLU B 248 4.94 -7.88 11.21
CA GLU B 248 4.00 -6.87 11.70
C GLU B 248 4.74 -5.61 12.20
N GLY B 249 6.06 -5.63 12.15
CA GLY B 249 6.86 -4.44 12.42
C GLY B 249 6.62 -3.36 11.36
N SER B 250 7.01 -2.13 11.70
CA SER B 250 6.74 -1.00 10.82
C SER B 250 7.80 0.05 10.97
N VAL B 251 7.84 0.97 10.03
CA VAL B 251 8.94 1.92 9.91
C VAL B 251 8.39 3.25 9.39
N ASN B 252 8.79 4.36 10.02
CA ASN B 252 8.34 5.68 9.58
C ASN B 252 9.18 6.18 8.40
N ASP B 253 9.08 7.47 8.06
CA ASP B 253 9.62 8.00 6.80
C ASP B 253 10.68 9.09 7.01
N ARG B 254 11.43 9.01 8.10
CA ARG B 254 12.49 9.98 8.36
C ARG B 254 13.84 9.29 8.39
N TRP B 255 14.08 8.46 7.38
CA TRP B 255 15.36 7.84 7.15
C TRP B 255 16.01 8.42 5.89
N GLY B 256 15.21 9.04 5.03
CA GLY B 256 15.69 9.57 3.76
C GLY B 256 16.08 8.47 2.80
N VAL B 257 15.30 7.39 2.79
CA VAL B 257 15.49 6.28 1.85
C VAL B 257 14.16 6.00 1.13
N PRO B 258 14.21 5.27 0.00
CA PRO B 258 12.99 5.01 -0.75
C PRO B 258 11.84 4.31 -0.01
N HIS B 259 12.12 3.58 1.08
CA HIS B 259 11.08 2.78 1.76
C HIS B 259 10.59 3.34 3.10
N TRP B 260 9.28 3.26 3.30
CA TRP B 260 8.65 3.63 4.55
C TRP B 260 7.28 2.97 4.62
N ASP B 261 6.80 2.68 5.82
CA ASP B 261 5.47 2.08 6.00
C ASP B 261 4.40 3.14 6.20
N PHE B 262 4.74 4.24 6.89
CA PHE B 262 3.84 5.38 7.04
C PHE B 262 4.65 6.68 7.06
N LYS B 263 4.01 7.77 6.65
CA LYS B 263 4.63 9.09 6.66
C LYS B 263 4.33 9.81 7.96
N THR B 264 5.10 10.86 8.24
CA THR B 264 4.95 11.59 9.49
C THR B 264 4.86 13.09 9.23
N ALA B 265 3.82 13.72 9.75
CA ALA B 265 3.62 15.15 9.62
C ALA B 265 3.68 15.77 11.03
N GLU B 266 4.43 16.87 11.15
CA GLU B 266 4.49 17.61 12.42
C GLU B 266 3.86 19.00 12.29
N TYR B 267 3.32 19.29 11.11
CA TYR B 267 2.46 20.46 10.89
C TYR B 267 1.15 19.98 10.26
N LEU B 275 -8.26 12.60 -0.57
CA LEU B 275 -7.55 12.14 0.62
C LEU B 275 -6.33 11.31 0.22
N PRO B 276 -5.30 11.24 1.11
CA PRO B 276 -4.12 10.44 0.78
C PRO B 276 -4.44 8.94 0.72
N GLY B 277 -3.85 8.25 -0.25
CA GLY B 277 -3.97 6.80 -0.39
C GLY B 277 -2.81 6.05 0.23
N TYR B 278 -2.10 6.72 1.15
CA TYR B 278 -1.02 6.09 1.91
C TYR B 278 -1.22 6.40 3.38
N LYS B 279 -0.73 5.51 4.25
CA LYS B 279 -0.85 5.73 5.69
C LYS B 279 0.15 6.78 6.18
N TRP B 280 -0.32 7.63 7.10
CA TRP B 280 0.53 8.65 7.70
C TRP B 280 0.20 8.82 9.19
N GLU B 281 0.94 9.67 9.87
CA GLU B 281 0.78 9.86 11.31
C GLU B 281 1.09 11.29 11.71
N PHE B 282 0.12 11.97 12.32
CA PHE B 282 0.36 13.29 12.91
C PHE B 282 0.96 13.12 14.31
N THR B 283 1.95 13.95 14.60
CA THR B 283 2.62 13.90 15.90
C THR B 283 2.72 15.30 16.49
N ARG B 284 2.22 15.46 17.71
CA ARG B 284 2.40 16.70 18.46
C ARG B 284 2.34 16.47 19.95
N GLY B 285 2.96 17.38 20.69
CA GLY B 285 2.94 17.34 22.14
C GLY B 285 1.64 17.86 22.70
N ILE B 286 1.37 17.51 23.94
CA ILE B 286 0.22 18.01 24.68
C ILE B 286 0.38 19.52 24.84
N GLY B 287 1.63 19.95 25.06
CA GLY B 287 1.98 21.37 25.05
C GLY B 287 2.71 21.75 23.77
N LEU B 288 3.53 22.79 23.86
CA LEU B 288 4.34 23.27 22.74
C LEU B 288 5.71 22.58 22.71
N SER B 289 6.02 21.84 23.77
CA SER B 289 7.27 21.09 23.89
C SER B 289 6.98 19.60 23.83
N PHE B 290 7.99 18.82 23.47
CA PHE B 290 7.90 17.36 23.55
C PHE B 290 8.42 16.92 24.91
N GLY B 291 9.58 17.43 25.29
CA GLY B 291 10.12 17.20 26.62
C GLY B 291 9.35 18.02 27.66
N TYR B 292 9.44 17.59 28.91
CA TYR B 292 8.84 18.32 30.02
C TYR B 292 9.33 19.76 30.06
N ASN B 293 8.41 20.70 30.28
CA ASN B 293 8.75 22.11 30.43
C ASN B 293 7.99 22.72 31.62
N ARG B 294 8.73 23.10 32.66
CA ARG B 294 8.18 23.68 33.90
C ARG B 294 7.37 24.95 33.66
N ASN B 295 7.78 25.74 32.67
CA ASN B 295 7.16 27.02 32.38
C ASN B 295 5.82 26.87 31.69
N GLU B 296 5.55 25.66 31.21
CA GLU B 296 4.36 25.37 30.42
C GLU B 296 3.16 25.22 31.35
N GLY B 297 2.15 26.06 31.17
CA GLY B 297 0.88 25.96 31.87
C GLY B 297 -0.26 25.63 30.92
N PRO B 298 -1.50 25.56 31.44
CA PRO B 298 -2.71 25.24 30.66
C PRO B 298 -2.87 26.06 29.37
N GLU B 299 -2.47 27.33 29.42
CA GLU B 299 -2.57 28.23 28.28
C GLU B 299 -1.71 27.79 27.09
N HIS B 300 -0.68 26.98 27.35
CA HIS B 300 0.19 26.48 26.29
C HIS B 300 -0.19 25.08 25.80
N MET B 301 -1.13 24.43 26.49
CA MET B 301 -1.56 23.09 26.15
C MET B 301 -2.90 23.09 25.42
N LEU B 302 -3.18 22.00 24.70
CA LEU B 302 -4.49 21.79 24.12
C LEU B 302 -5.43 21.28 25.20
N SER B 303 -6.69 21.72 25.18
CA SER B 303 -7.69 21.19 26.10
C SER B 303 -8.16 19.83 25.61
N VAL B 304 -8.87 19.10 26.46
CA VAL B 304 -9.37 17.78 26.12
C VAL B 304 -10.22 17.80 24.85
N GLU B 305 -10.95 18.91 24.64
CA GLU B 305 -11.81 19.04 23.45
C GLU B 305 -10.98 19.26 22.19
N GLN B 306 -9.88 19.99 22.32
CA GLN B 306 -8.97 20.24 21.21
C GLN B 306 -8.20 18.97 20.79
N LEU B 307 -7.83 18.17 21.78
CA LEU B 307 -7.23 16.85 21.52
C LEU B 307 -8.19 15.95 20.77
N VAL B 308 -9.45 15.93 21.22
CA VAL B 308 -10.47 15.12 20.59
C VAL B 308 -10.74 15.56 19.15
N TYR B 309 -10.87 16.87 18.93
CA TYR B 309 -11.10 17.39 17.58
C TYR B 309 -9.92 17.08 16.67
N THR B 310 -8.70 17.20 17.19
CA THR B 310 -7.51 16.88 16.41
C THR B 310 -7.46 15.39 16.06
N LEU B 311 -7.76 14.53 17.03
CA LEU B 311 -7.82 13.08 16.80
C LEU B 311 -8.78 12.75 15.65
N VAL B 312 -10.00 13.29 15.72
CA VAL B 312 -11.02 13.04 14.71
C VAL B 312 -10.60 13.56 13.33
N ASP B 313 -10.07 14.78 13.31
CA ASP B 313 -9.61 15.43 12.08
C ASP B 313 -8.54 14.60 11.39
N VAL B 314 -7.56 14.15 12.16
CA VAL B 314 -6.49 13.30 11.63
C VAL B 314 -7.04 11.97 11.11
N VAL B 315 -7.86 11.30 11.92
CA VAL B 315 -8.38 9.97 11.58
C VAL B 315 -9.24 10.00 10.32
N SER B 316 -10.00 11.08 10.16
CA SER B 316 -10.83 11.29 8.96
C SER B 316 -9.98 11.46 7.69
N LYS B 317 -8.74 11.89 7.85
CA LYS B 317 -7.83 12.08 6.73
C LYS B 317 -6.89 10.90 6.52
N GLY B 318 -7.13 9.81 7.24
CA GLY B 318 -6.38 8.56 7.05
C GLY B 318 -5.16 8.38 7.92
N GLY B 319 -5.02 9.18 8.98
CA GLY B 319 -3.80 9.16 9.80
C GLY B 319 -4.02 8.72 11.23
N ASN B 320 -2.93 8.35 11.89
CA ASN B 320 -2.92 8.11 13.33
C ASN B 320 -2.47 9.38 14.04
N LEU B 321 -2.85 9.51 15.30
CA LEU B 321 -2.33 10.58 16.13
C LEU B 321 -1.35 9.98 17.11
N LEU B 322 -0.10 10.45 17.06
CA LEU B 322 0.92 10.05 18.02
C LEU B 322 1.10 11.22 18.99
N LEU B 323 0.39 11.17 20.11
CA LEU B 323 0.39 12.26 21.07
C LEU B 323 1.56 12.12 22.02
N ASN B 324 2.32 13.20 22.21
CA ASN B 324 3.48 13.14 23.09
C ASN B 324 3.23 13.52 24.55
N VAL B 325 3.73 12.66 25.44
CA VAL B 325 3.77 12.94 26.86
C VAL B 325 5.22 13.28 27.20
N GLY B 326 5.41 14.28 28.04
CA GLY B 326 6.75 14.67 28.51
C GLY B 326 6.87 14.49 30.02
N PRO B 327 7.32 13.29 30.46
CA PRO B 327 7.46 13.03 31.90
C PRO B 327 8.57 13.81 32.60
N LYS B 328 8.45 13.91 33.91
CA LYS B 328 9.46 14.55 34.75
C LYS B 328 10.66 13.63 34.95
N GLY B 329 11.77 14.22 35.39
CA GLY B 329 12.99 13.47 35.67
C GLY B 329 12.83 12.36 36.70
N ASP B 330 11.91 12.54 37.65
CA ASP B 330 11.62 11.51 38.67
C ASP B 330 10.67 10.40 38.17
N GLY B 331 10.27 10.49 36.90
CA GLY B 331 9.50 9.44 36.24
C GLY B 331 8.01 9.50 36.51
N THR B 332 7.52 10.69 36.88
CA THR B 332 6.10 10.93 37.07
C THR B 332 5.61 11.84 35.95
N ILE B 333 4.32 11.77 35.64
CA ILE B 333 3.74 12.56 34.56
C ILE B 333 3.01 13.77 35.14
N PRO B 334 3.38 15.00 34.72
CA PRO B 334 2.72 16.20 35.23
C PRO B 334 1.20 16.11 35.17
N ASP B 335 0.53 16.45 36.26
CA ASP B 335 -0.93 16.29 36.39
C ASP B 335 -1.73 16.87 35.22
N LEU B 336 -1.29 18.02 34.70
CA LEU B 336 -1.97 18.65 33.56
C LEU B 336 -2.04 17.73 32.34
N GLN B 337 -0.98 16.93 32.13
CA GLN B 337 -0.95 15.96 31.04
C GLN B 337 -1.74 14.72 31.39
N LYS B 338 -1.72 14.33 32.67
CA LYS B 338 -2.49 13.17 33.13
C LYS B 338 -4.00 13.43 32.96
N GLU B 339 -4.45 14.62 33.34
CA GLU B 339 -5.86 14.99 33.19
C GLU B 339 -6.34 14.91 31.74
N ARG B 340 -5.52 15.42 30.82
CA ARG B 340 -5.88 15.47 29.40
C ARG B 340 -5.91 14.10 28.73
N LEU B 341 -4.97 13.23 29.11
CA LEU B 341 -4.96 11.85 28.61
C LEU B 341 -6.23 11.11 29.05
N LEU B 342 -6.56 11.23 30.32
CA LEU B 342 -7.76 10.60 30.89
C LEU B 342 -9.05 11.11 30.26
N GLY B 343 -9.11 12.41 29.98
CA GLY B 343 -10.24 13.01 29.30
C GLY B 343 -10.43 12.50 27.89
N LEU B 344 -9.31 12.31 27.18
CA LEU B 344 -9.32 11.70 25.85
C LEU B 344 -9.84 10.26 25.94
N GLY B 345 -9.36 9.53 26.94
CA GLY B 345 -9.75 8.13 27.13
C GLY B 345 -11.21 7.96 27.45
N GLU B 346 -11.75 8.89 28.25
CA GLU B 346 -13.18 8.91 28.54
C GLU B 346 -13.96 9.03 27.24
N TRP B 347 -13.59 10.01 26.41
CA TRP B 347 -14.23 10.21 25.13
C TRP B 347 -14.13 8.96 24.25
N LEU B 348 -12.93 8.41 24.13
CA LEU B 348 -12.70 7.20 23.33
C LEU B 348 -13.48 5.98 23.85
N ARG B 349 -13.75 5.93 25.15
CA ARG B 349 -14.56 4.85 25.72
C ARG B 349 -15.97 4.86 25.13
N LYS B 350 -16.49 6.05 24.86
CA LYS B 350 -17.80 6.21 24.24
C LYS B 350 -17.75 6.02 22.72
N TYR B 351 -16.90 6.81 22.05
CA TYR B 351 -16.96 6.93 20.59
C TYR B 351 -15.93 6.08 19.83
N GLY B 352 -15.19 5.24 20.56
CA GLY B 352 -14.19 4.36 19.97
C GLY B 352 -14.57 3.65 18.67
N ASP B 353 -15.80 3.17 18.59
CA ASP B 353 -16.26 2.42 17.41
C ASP B 353 -16.23 3.26 16.12
N ALA B 354 -16.37 4.59 16.26
CA ALA B 354 -16.29 5.50 15.13
C ALA B 354 -14.84 5.98 14.83
N ILE B 355 -13.85 5.38 15.50
CA ILE B 355 -12.45 5.74 15.31
C ILE B 355 -11.58 4.52 15.03
N TYR B 356 -11.50 3.60 16.00
CA TYR B 356 -10.70 2.39 15.82
C TYR B 356 -11.23 1.55 14.68
N GLY B 357 -10.33 1.08 13.81
CA GLY B 357 -10.70 0.21 12.71
C GLY B 357 -11.38 0.89 11.53
N THR B 358 -11.49 2.21 11.59
CA THR B 358 -12.20 2.95 10.55
C THR B 358 -11.31 3.22 9.34
N SER B 359 -11.95 3.41 8.18
CA SER B 359 -11.27 3.84 6.97
C SER B 359 -11.79 5.21 6.60
N VAL B 360 -11.11 5.86 5.66
CA VAL B 360 -11.57 7.15 5.17
C VAL B 360 -12.81 6.98 4.28
N TRP B 361 -13.62 8.03 4.23
CA TRP B 361 -14.81 8.06 3.39
C TRP B 361 -14.48 8.78 2.08
N GLU B 362 -15.48 9.01 1.25
CA GLU B 362 -15.33 9.69 -0.04
C GLU B 362 -14.78 11.11 0.13
N ARG B 363 -15.17 11.75 1.24
CA ARG B 363 -14.59 13.02 1.66
C ARG B 363 -14.23 12.96 3.14
N CYS B 364 -13.42 13.92 3.59
CA CYS B 364 -12.98 14.00 4.98
C CYS B 364 -13.93 14.81 5.85
N CYS B 365 -14.50 15.86 5.27
CA CYS B 365 -14.94 17.02 6.04
C CYS B 365 -16.22 17.69 5.54
N ALA B 366 -16.85 18.46 6.42
CA ALA B 366 -18.03 19.26 6.09
C ALA B 366 -18.19 20.35 7.14
N LYS B 367 -19.23 21.17 6.99
CA LYS B 367 -19.59 22.16 8.02
C LYS B 367 -21.07 22.51 7.99
N THR B 368 -21.59 22.95 9.13
CA THR B 368 -22.97 23.43 9.23
C THR B 368 -23.05 24.89 8.78
N GLU B 369 -24.26 25.42 8.69
CA GLU B 369 -24.46 26.83 8.38
C GLU B 369 -24.04 27.70 9.58
N ASP B 370 -24.15 27.14 10.79
CA ASP B 370 -23.63 27.77 12.00
C ASP B 370 -22.11 27.94 11.91
N GLY B 371 -21.43 26.98 11.29
CA GLY B 371 -19.98 27.01 11.16
C GLY B 371 -19.27 25.98 12.03
N THR B 372 -20.00 24.97 12.49
CA THR B 372 -19.41 23.85 13.23
C THR B 372 -18.80 22.85 12.24
N GLU B 373 -17.54 22.49 12.46
CA GLU B 373 -16.82 21.57 11.57
C GLU B 373 -17.29 20.12 11.76
N ILE B 374 -17.38 19.39 10.65
CA ILE B 374 -17.82 17.99 10.67
C ILE B 374 -16.76 17.12 10.01
N ARG B 375 -16.56 15.92 10.57
CA ARG B 375 -15.62 14.96 10.01
C ARG B 375 -16.31 13.60 9.82
N PHE B 376 -15.81 12.83 8.87
CA PHE B 376 -16.42 11.54 8.49
C PHE B 376 -15.42 10.40 8.64
N THR B 377 -15.92 9.25 9.07
CA THR B 377 -15.14 8.01 9.07
C THR B 377 -16.03 6.85 8.63
N ARG B 378 -15.42 5.86 7.98
CA ARG B 378 -16.15 4.73 7.41
C ARG B 378 -15.81 3.43 8.14
N LYS B 379 -16.80 2.56 8.25
CA LYS B 379 -16.58 1.18 8.67
C LYS B 379 -17.51 0.32 7.84
N CYS B 380 -17.04 -0.05 6.65
CA CYS B 380 -17.84 -0.77 5.66
C CYS B 380 -19.08 0.04 5.22
N ASN B 381 -20.28 -0.47 5.46
CA ASN B 381 -21.52 0.21 5.05
C ASN B 381 -21.86 1.41 5.94
N ARG B 382 -21.27 1.44 7.14
CA ARG B 382 -21.52 2.49 8.11
C ARG B 382 -20.65 3.72 7.87
N ILE B 383 -21.26 4.90 8.00
CA ILE B 383 -20.55 6.17 7.87
C ILE B 383 -20.80 7.00 9.13
N PHE B 384 -19.76 7.20 9.91
CA PHE B 384 -19.88 7.98 11.15
C PHE B 384 -19.72 9.46 10.84
N VAL B 385 -20.65 10.27 11.33
CA VAL B 385 -20.61 11.72 11.17
C VAL B 385 -20.27 12.32 12.52
N ILE B 386 -19.09 12.94 12.62
CA ILE B 386 -18.57 13.41 13.91
C ILE B 386 -18.46 14.94 13.93
N PHE B 387 -19.36 15.57 14.68
CA PHE B 387 -19.39 17.03 14.81
C PHE B 387 -18.30 17.48 15.79
N LEU B 388 -17.51 18.47 15.37
CA LEU B 388 -16.48 19.05 16.23
C LEU B 388 -17.13 20.13 17.11
N GLY B 389 -17.87 19.65 18.11
CA GLY B 389 -18.76 20.48 18.92
C GLY B 389 -20.13 19.83 18.99
N ILE B 390 -21.02 20.43 19.77
CA ILE B 390 -22.40 19.93 19.91
C ILE B 390 -23.36 21.08 19.61
N PRO B 391 -24.02 21.04 18.43
CA PRO B 391 -24.97 22.09 18.06
C PRO B 391 -26.07 22.27 19.09
N THR B 392 -26.37 23.53 19.42
CA THR B 392 -27.39 23.83 20.42
C THR B 392 -28.81 23.66 19.88
N GLY B 393 -28.97 23.82 18.56
CA GLY B 393 -30.29 23.73 17.93
C GLY B 393 -30.65 22.32 17.48
N GLU B 394 -31.95 22.01 17.50
CA GLU B 394 -32.45 20.71 17.03
C GLU B 394 -32.34 20.60 15.52
N LYS B 395 -32.67 21.69 14.82
CA LYS B 395 -32.49 21.79 13.37
C LYS B 395 -31.00 22.00 13.07
N ILE B 396 -30.41 21.08 12.31
CA ILE B 396 -29.00 21.17 11.91
C ILE B 396 -28.89 21.08 10.39
N VAL B 397 -28.19 22.05 9.79
CA VAL B 397 -28.11 22.18 8.33
C VAL B 397 -26.67 21.98 7.83
N ILE B 398 -26.39 20.81 7.24
CA ILE B 398 -25.08 20.49 6.69
C ILE B 398 -24.98 20.98 5.24
N GLU B 399 -23.90 21.69 4.92
CA GLU B 399 -23.72 22.29 3.60
C GLU B 399 -23.16 21.30 2.58
N ASP B 400 -23.63 21.41 1.33
CA ASP B 400 -23.04 20.70 0.20
C ASP B 400 -22.95 19.19 0.43
N LEU B 401 -24.10 18.57 0.67
CA LEU B 401 -24.14 17.14 1.00
C LEU B 401 -25.51 16.53 0.71
N ASN B 402 -25.53 15.32 0.17
CA ASN B 402 -26.75 14.56 -0.07
C ASN B 402 -26.55 13.07 0.20
N LEU B 403 -27.59 12.41 0.71
CA LEU B 403 -27.63 10.96 0.81
C LEU B 403 -28.91 10.48 0.13
N SER B 404 -28.79 9.46 -0.73
CA SER B 404 -29.95 8.94 -1.49
C SER B 404 -31.09 8.52 -0.57
N ALA B 405 -30.74 7.71 0.43
CA ALA B 405 -31.70 7.23 1.41
C ALA B 405 -30.96 6.50 2.54
N GLY B 406 -31.44 5.31 2.90
CA GLY B 406 -30.83 4.55 3.99
C GLY B 406 -31.41 4.96 5.34
N THR B 407 -30.59 4.86 6.39
CA THR B 407 -31.03 5.19 7.73
C THR B 407 -29.94 5.99 8.47
N VAL B 408 -30.21 7.26 8.72
CA VAL B 408 -29.34 8.09 9.55
C VAL B 408 -29.83 8.01 10.98
N ARG B 409 -28.94 7.66 11.91
CA ARG B 409 -29.32 7.50 13.31
C ARG B 409 -28.27 8.05 14.27
N HIS B 410 -28.72 8.43 15.47
CA HIS B 410 -27.86 8.99 16.50
C HIS B 410 -26.97 7.90 17.11
N PHE B 411 -25.66 8.10 17.03
CA PHE B 411 -24.68 7.05 17.34
C PHE B 411 -24.78 6.46 18.75
N LEU B 412 -24.67 7.30 19.77
CA LEU B 412 -24.53 6.84 21.16
C LEU B 412 -25.75 6.06 21.67
N THR B 413 -26.95 6.62 21.45
CA THR B 413 -28.21 5.97 21.85
C THR B 413 -28.61 4.88 20.87
N GLY B 414 -28.43 5.16 19.58
CA GLY B 414 -28.75 4.21 18.52
C GLY B 414 -30.13 4.42 17.89
N GLU B 415 -30.80 5.51 18.24
CA GLU B 415 -32.16 5.74 17.76
C GLU B 415 -32.19 6.52 16.43
N ARG B 416 -33.09 6.10 15.54
CA ARG B 416 -33.19 6.66 14.20
C ARG B 416 -33.64 8.12 14.22
N LEU B 417 -33.12 8.90 13.28
CA LEU B 417 -33.44 10.32 13.16
C LEU B 417 -34.06 10.62 11.81
N SER B 418 -34.71 11.78 11.71
CA SER B 418 -35.30 12.24 10.45
C SER B 418 -34.29 13.10 9.70
N PHE B 419 -34.29 12.96 8.37
CA PHE B 419 -33.45 13.78 7.51
C PHE B 419 -34.04 13.92 6.11
N LYS B 420 -33.53 14.91 5.37
CA LYS B 420 -33.99 15.17 4.01
C LYS B 420 -32.98 16.04 3.26
N ASN B 421 -32.78 15.75 1.97
CA ASN B 421 -31.91 16.53 1.12
C ASN B 421 -32.65 17.77 0.60
N VAL B 422 -32.20 18.95 1.00
CA VAL B 422 -32.79 20.21 0.56
C VAL B 422 -31.80 20.97 -0.32
N GLY B 423 -31.97 20.85 -1.64
CA GLY B 423 -31.03 21.43 -2.59
C GLY B 423 -29.67 20.79 -2.47
N LYS B 424 -28.63 21.62 -2.44
CA LYS B 424 -27.26 21.13 -2.24
C LYS B 424 -26.99 20.78 -0.76
N ASN B 425 -27.78 21.37 0.15
CA ASN B 425 -27.60 21.15 1.59
C ASN B 425 -28.44 19.97 2.10
N LEU B 426 -28.24 19.60 3.36
CA LEU B 426 -28.95 18.48 4.00
C LEU B 426 -29.35 18.83 5.44
N GLU B 427 -30.65 18.70 5.73
CA GLU B 427 -31.19 19.01 7.06
C GLU B 427 -31.36 17.73 7.88
N ILE B 428 -30.94 17.78 9.13
CA ILE B 428 -31.01 16.62 10.03
C ILE B 428 -31.57 17.05 11.39
N THR B 429 -32.67 16.43 11.80
CA THR B 429 -33.33 16.76 13.06
C THR B 429 -32.79 15.88 14.18
N VAL B 430 -32.21 16.50 15.20
CA VAL B 430 -31.64 15.79 16.35
C VAL B 430 -32.31 16.28 17.64
N PRO B 431 -33.14 15.43 18.27
CA PRO B 431 -33.82 15.82 19.51
C PRO B 431 -32.86 16.24 20.62
N LYS B 432 -33.19 17.31 21.33
CA LYS B 432 -32.37 17.84 22.42
C LYS B 432 -32.04 16.75 23.44
N LYS B 433 -32.98 15.82 23.63
CA LYS B 433 -32.75 14.62 24.42
C LYS B 433 -31.44 13.95 24.05
N LEU B 434 -31.25 13.70 22.76
CA LEU B 434 -30.05 13.01 22.26
C LEU B 434 -28.81 13.91 22.28
N LEU B 435 -28.97 15.17 21.91
CA LEU B 435 -27.87 16.14 21.91
C LEU B 435 -27.22 16.27 23.30
N GLU B 436 -28.04 16.22 24.34
CA GLU B 436 -27.55 16.38 25.71
C GLU B 436 -26.87 15.13 26.27
N THR B 437 -26.94 14.01 25.55
CA THR B 437 -26.27 12.79 25.96
C THR B 437 -24.81 12.76 25.50
N ASP B 438 -24.52 13.45 24.39
CA ASP B 438 -23.18 13.45 23.79
C ASP B 438 -22.20 14.35 24.54
N SER B 439 -20.95 13.90 24.62
CA SER B 439 -19.88 14.64 25.28
C SER B 439 -18.89 15.16 24.23
N ILE B 440 -18.71 16.48 24.20
CA ILE B 440 -17.76 17.16 23.29
C ILE B 440 -18.17 17.10 21.82
N THR B 441 -18.43 15.89 21.31
CA THR B 441 -18.81 15.69 19.91
C THR B 441 -20.17 15.01 19.77
N LEU B 442 -21.07 15.64 19.01
CA LEU B 442 -22.28 14.97 18.54
C LEU B 442 -21.88 14.01 17.44
N VAL B 443 -22.24 12.74 17.57
CA VAL B 443 -21.92 11.75 16.56
C VAL B 443 -23.19 11.12 15.98
N LEU B 444 -23.25 11.07 14.66
CA LEU B 444 -24.35 10.45 13.92
C LEU B 444 -23.82 9.25 13.15
N GLU B 445 -24.72 8.35 12.79
CA GLU B 445 -24.37 7.13 12.06
C GLU B 445 -25.33 6.95 10.89
N ALA B 446 -24.78 6.73 9.69
CA ALA B 446 -25.57 6.58 8.47
C ALA B 446 -25.23 5.27 7.76
N VAL B 447 -26.23 4.66 7.13
CA VAL B 447 -26.06 3.43 6.35
C VAL B 447 -26.69 3.60 4.98
#